data_7CHO
#
_entry.id   7CHO
#
_cell.length_a   158.754
_cell.length_b   67.509
_cell.length_c   154.368
_cell.angle_alpha   90.000
_cell.angle_beta   112.180
_cell.angle_gamma   90.000
#
_symmetry.space_group_name_H-M   'C 1 2 1'
#
loop_
_entity.id
_entity.type
_entity.pdbx_description
1 polymer 'Spike protein S1'
2 polymer 'antibody P5A-1D2 heavy chain'
3 polymer 'antibody P5A-1D2 light chain'
4 non-polymer 2-acetamido-2-deoxy-beta-D-glucopyranose
5 water water
#
loop_
_entity_poly.entity_id
_entity_poly.type
_entity_poly.pdbx_seq_one_letter_code
_entity_poly.pdbx_strand_id
1 'polypeptide(L)'
;RVQPTESIVRFPNITNLCPFGEVFNATRFASVYAWNRKRISNCVADYSVLYNSASFSTFKCYGVSPTKLNDLCFTNVYAD
SFVIRGDEVRQIAPGQTGKIADYNYKLPDDFTGCVIAWNSNNLDSKVGGNYNYLYRLFRKSNLKPFERDISTEIYQAGST
PCNGVEGFNCYFPLQSYGFQPTNGVGYQPYRVVVLSFELLHAPATVCGPKKHHHHHH
;
E,A
2 'polypeptide(L)'
;EVQLVESGGGLIQPGGSLRLSCAASGFIVSSNYMSWVRQAPGKGLEWVSIIYSGGSTYYADSVKGRFTISRDNSNNTLYL
QMNSLRAEDTAVYYCARALQVGATSDYFDYWGQGTLVTVSSASTKGPSVFPLAPSSKSTSGGTAALGCLVKDYFPEPVTV
SWNSGALTSGVHTFPAVLQSSGLYSLSSVVTVPSSSLGTQTYICNVNHKPSNTKVDKKVEPK
;
H,B
3 'polypeptide(L)'
;QSVLTQPPSVSGAPGQRVTISCTGSSSNIGAGYDVHWYQQLPGTAPKLLIYGNSNRPSGVPDRFSGSKSGTSASLAITGL
QAEDETDYYCQSCDSSLSVVVFGGGTKLTVLGQPKAAPSVTLFPPSSEELQANKATLVCLISDFYPGAVTVAWKADSSPV
KAGVETTTPSKQSNNKYAASSYLSLTPEQWKSHRSYSCQVTHEGSTVEKTVAPTECS
;
L,C
#
loop_
_chem_comp.id
_chem_comp.type
_chem_comp.name
_chem_comp.formula
NAG D-saccharide, beta linking 2-acetamido-2-deoxy-beta-D-glucopyranose 'C8 H15 N O6'
#
# COMPACT_ATOMS: atom_id res chain seq x y z
N THR A 15 -59.89 -21.35 6.69
CA THR A 15 -58.91 -20.87 5.71
C THR A 15 -58.95 -19.34 5.58
N ASN A 16 -58.51 -18.64 6.63
CA ASN A 16 -58.51 -17.19 6.59
C ASN A 16 -57.09 -16.65 6.41
N LEU A 17 -57.03 -15.34 6.18
CA LEU A 17 -55.84 -14.62 5.75
C LEU A 17 -54.64 -14.87 6.68
N CYS A 18 -53.43 -14.63 6.15
CA CYS A 18 -52.26 -14.52 7.00
C CYS A 18 -52.17 -13.11 7.60
N PRO A 19 -51.83 -12.99 8.90
CA PRO A 19 -51.82 -11.66 9.54
C PRO A 19 -50.49 -10.91 9.37
N PHE A 20 -50.12 -10.65 8.12
CA PHE A 20 -48.97 -9.80 7.86
C PHE A 20 -49.28 -8.33 8.05
N GLY A 21 -50.55 -7.96 8.00
CA GLY A 21 -50.91 -6.57 8.23
C GLY A 21 -50.67 -6.13 9.65
N GLU A 22 -50.71 -7.07 10.60
CA GLU A 22 -50.48 -6.70 11.99
C GLU A 22 -49.00 -6.74 12.39
N VAL A 23 -48.11 -7.34 11.59
CA VAL A 23 -46.70 -7.33 11.93
C VAL A 23 -45.97 -6.26 11.14
N PHE A 24 -46.38 -6.03 9.88
CA PHE A 24 -45.76 -5.01 9.04
C PHE A 24 -46.27 -3.62 9.39
N ASN A 25 -47.60 -3.48 9.56
CA ASN A 25 -48.26 -2.20 9.77
C ASN A 25 -48.39 -1.83 11.25
N ALA A 26 -47.64 -2.52 12.11
CA ALA A 26 -47.72 -2.32 13.55
C ALA A 26 -47.20 -0.95 13.96
N THR A 27 -47.72 -0.44 15.08
CA THR A 27 -47.39 0.92 15.49
C THR A 27 -46.09 0.98 16.28
N ARG A 28 -45.91 0.09 17.26
CA ARG A 28 -44.72 0.06 18.09
C ARG A 28 -43.78 -1.04 17.62
N PHE A 29 -42.47 -0.76 17.66
CA PHE A 29 -41.47 -1.70 17.19
C PHE A 29 -40.44 -2.01 18.26
N ALA A 30 -40.00 -3.27 18.27
CA ALA A 30 -39.04 -3.76 19.26
C ALA A 30 -37.69 -3.10 19.07
N SER A 31 -36.92 -3.03 20.15
CA SER A 31 -35.49 -2.79 20.00
C SER A 31 -34.85 -4.05 19.44
N VAL A 32 -33.79 -3.86 18.65
CA VAL A 32 -33.22 -4.99 17.92
C VAL A 32 -32.71 -6.06 18.89
N TYR A 33 -32.11 -5.64 20.03
CA TYR A 33 -31.58 -6.61 20.98
C TYR A 33 -32.70 -7.47 21.57
N ALA A 34 -33.92 -6.93 21.65
CA ALA A 34 -35.09 -7.61 22.16
C ALA A 34 -36.10 -7.85 21.05
N TRP A 35 -35.61 -8.36 19.92
CA TRP A 35 -36.40 -8.39 18.69
C TRP A 35 -37.63 -9.26 18.85
N ASN A 36 -38.74 -8.80 18.29
CA ASN A 36 -40.02 -9.50 18.37
C ASN A 36 -40.12 -10.60 17.31
N ARG A 37 -41.02 -11.56 17.57
CA ARG A 37 -41.27 -12.67 16.66
C ARG A 37 -42.74 -13.04 16.69
N LYS A 38 -43.38 -12.96 15.52
CA LYS A 38 -44.75 -13.43 15.33
C LYS A 38 -44.70 -14.69 14.48
N ARG A 39 -45.21 -15.79 15.03
CA ARG A 39 -45.40 -17.00 14.25
C ARG A 39 -46.61 -16.85 13.33
N ILE A 40 -46.52 -17.45 12.15
CA ILE A 40 -47.58 -17.46 11.16
C ILE A 40 -47.89 -18.92 10.85
N SER A 41 -49.11 -19.35 11.14
CA SER A 41 -49.55 -20.71 10.90
C SER A 41 -50.95 -20.71 10.29
N ASN A 42 -51.28 -21.84 9.63
CA ASN A 42 -52.59 -22.14 9.08
C ASN A 42 -53.29 -20.92 8.52
N CYS A 43 -52.85 -20.46 7.35
CA CYS A 43 -53.44 -19.29 6.73
C CYS A 43 -53.00 -19.28 5.28
N VAL A 44 -53.68 -18.48 4.48
CA VAL A 44 -53.32 -18.32 3.08
C VAL A 44 -52.75 -16.92 2.91
N ALA A 45 -51.57 -16.85 2.28
CA ALA A 45 -50.68 -15.71 2.39
C ALA A 45 -50.79 -14.83 1.15
N ASP A 46 -51.24 -13.59 1.34
CA ASP A 46 -51.28 -12.60 0.27
C ASP A 46 -49.94 -11.87 0.22
N TYR A 47 -48.99 -12.41 -0.55
CA TYR A 47 -47.72 -11.73 -0.77
C TYR A 47 -47.88 -10.49 -1.64
N SER A 48 -49.04 -10.27 -2.22
CA SER A 48 -49.28 -9.07 -3.00
C SER A 48 -48.88 -7.80 -2.25
N VAL A 49 -49.02 -7.78 -0.92
CA VAL A 49 -48.78 -6.53 -0.21
C VAL A 49 -47.28 -6.17 -0.19
N LEU A 50 -46.40 -7.12 -0.51
CA LEU A 50 -44.95 -6.89 -0.56
C LEU A 50 -44.51 -6.26 -1.88
N TYR A 51 -44.96 -6.84 -3.00
CA TYR A 51 -44.55 -6.34 -4.32
C TYR A 51 -45.17 -4.97 -4.60
N ASN A 52 -46.32 -4.68 -3.98
CA ASN A 52 -47.05 -3.44 -4.18
C ASN A 52 -46.90 -2.58 -2.93
N SER A 53 -45.74 -1.94 -2.80
CA SER A 53 -45.54 -1.19 -1.58
C SER A 53 -44.85 0.14 -1.82
N ALA A 54 -43.83 0.16 -2.70
CA ALA A 54 -43.09 1.38 -3.03
C ALA A 54 -42.24 1.88 -1.86
N SER A 55 -42.69 1.60 -0.64
CA SER A 55 -42.12 2.13 0.60
C SER A 55 -40.87 1.39 1.08
N PHE A 56 -40.66 0.15 0.64
CA PHE A 56 -39.55 -0.67 1.13
C PHE A 56 -38.23 -0.19 0.56
N SER A 57 -37.22 -0.03 1.43
CA SER A 57 -35.88 0.29 0.98
C SER A 57 -35.02 -0.94 0.79
N THR A 58 -35.42 -2.08 1.35
CA THR A 58 -34.72 -3.33 1.11
C THR A 58 -35.74 -4.45 0.92
N PHE A 59 -35.41 -5.41 0.05
CA PHE A 59 -36.30 -6.53 -0.21
C PHE A 59 -35.49 -7.67 -0.82
N LYS A 60 -34.49 -8.16 -0.11
CA LYS A 60 -33.68 -9.27 -0.58
C LYS A 60 -34.20 -10.57 0.02
N CYS A 61 -34.42 -11.57 -0.83
CA CYS A 61 -34.81 -12.91 -0.41
C CYS A 61 -33.64 -13.87 -0.59
N TYR A 62 -33.67 -14.98 0.14
CA TYR A 62 -32.45 -15.81 0.17
C TYR A 62 -32.61 -17.25 -0.28
N GLY A 63 -33.48 -18.03 0.32
CA GLY A 63 -33.51 -19.43 -0.13
C GLY A 63 -34.47 -19.64 -1.26
N VAL A 64 -35.37 -18.68 -1.44
CA VAL A 64 -36.47 -18.75 -2.43
C VAL A 64 -36.22 -17.70 -3.50
N SER A 65 -36.91 -17.84 -4.63
CA SER A 65 -36.92 -16.83 -5.71
C SER A 65 -37.93 -15.77 -5.29
N PRO A 66 -37.52 -14.49 -5.08
CA PRO A 66 -38.40 -13.43 -4.58
C PRO A 66 -39.80 -13.22 -5.17
N THR A 67 -40.03 -13.58 -6.44
CA THR A 67 -41.28 -13.34 -7.15
C THR A 67 -42.23 -14.51 -7.08
N LYS A 68 -41.70 -15.72 -6.92
CA LYS A 68 -42.51 -16.93 -6.88
C LYS A 68 -43.13 -17.19 -5.53
N LEU A 69 -43.13 -16.19 -4.64
CA LEU A 69 -43.60 -16.40 -3.27
C LEU A 69 -45.06 -16.82 -3.22
N ASN A 70 -45.85 -16.35 -4.17
CA ASN A 70 -47.27 -16.67 -4.23
C ASN A 70 -47.54 -18.16 -4.34
N ASP A 71 -47.15 -18.75 -5.46
CA ASP A 71 -47.37 -20.17 -5.69
C ASP A 71 -46.39 -21.07 -4.93
N LEU A 72 -46.13 -20.74 -3.67
CA LEU A 72 -45.23 -21.56 -2.88
C LEU A 72 -45.94 -21.93 -1.58
N CYS A 73 -45.48 -23.00 -0.94
CA CYS A 73 -46.10 -23.53 0.28
C CYS A 73 -45.05 -23.72 1.37
N PHE A 74 -45.42 -23.41 2.61
CA PHE A 74 -44.50 -23.54 3.73
C PHE A 74 -45.21 -24.15 4.92
N THR A 75 -44.44 -24.85 5.75
CA THR A 75 -44.97 -25.39 6.99
C THR A 75 -45.29 -24.28 7.98
N ASN A 76 -44.29 -23.44 8.26
CA ASN A 76 -44.42 -22.32 9.18
C ASN A 76 -43.72 -21.11 8.61
N VAL A 77 -44.31 -19.94 8.82
CA VAL A 77 -43.61 -18.69 8.53
C VAL A 77 -43.48 -17.90 9.82
N TYR A 78 -42.27 -17.37 10.06
CA TYR A 78 -41.97 -16.52 11.22
C TYR A 78 -41.69 -15.12 10.74
N ALA A 79 -42.15 -14.14 11.51
CA ALA A 79 -41.93 -12.71 11.25
C ALA A 79 -41.21 -12.09 12.45
N ASP A 80 -40.03 -11.53 12.20
CA ASP A 80 -39.24 -10.87 13.23
C ASP A 80 -39.18 -9.38 12.92
N SER A 81 -39.46 -8.54 13.92
CA SER A 81 -39.47 -7.09 13.72
C SER A 81 -38.62 -6.37 14.78
N PHE A 82 -37.91 -5.32 14.36
CA PHE A 82 -37.03 -4.53 15.22
C PHE A 82 -36.61 -3.26 14.48
N VAL A 83 -35.86 -2.39 15.17
CA VAL A 83 -35.45 -1.10 14.62
C VAL A 83 -33.92 -0.97 14.69
N ILE A 84 -33.31 -0.52 13.58
CA ILE A 84 -31.87 -0.30 13.54
C ILE A 84 -31.59 0.99 12.78
N ARG A 85 -30.30 1.32 12.64
CA ARG A 85 -29.84 2.39 11.76
C ARG A 85 -29.86 1.94 10.30
N GLY A 86 -29.95 2.91 9.40
CA GLY A 86 -29.83 2.60 7.99
C GLY A 86 -28.55 1.87 7.65
N ASP A 87 -27.43 2.35 8.20
CA ASP A 87 -26.12 1.78 7.91
C ASP A 87 -25.98 0.37 8.43
N GLU A 88 -26.94 -0.12 9.22
CA GLU A 88 -26.88 -1.48 9.77
C GLU A 88 -27.72 -2.49 9.01
N VAL A 89 -28.65 -2.05 8.13
CA VAL A 89 -29.53 -2.99 7.45
C VAL A 89 -28.71 -4.02 6.67
N ARG A 90 -27.57 -3.62 6.11
CA ARG A 90 -26.66 -4.52 5.44
C ARG A 90 -26.18 -5.69 6.32
N GLN A 91 -26.52 -5.70 7.61
CA GLN A 91 -26.11 -6.79 8.49
C GLN A 91 -27.22 -7.81 8.70
N ILE A 92 -28.45 -7.48 8.33
CA ILE A 92 -29.58 -8.40 8.39
C ILE A 92 -29.62 -9.19 7.10
N ALA A 93 -28.63 -10.08 6.93
CA ALA A 93 -28.47 -10.86 5.72
C ALA A 93 -27.54 -12.01 6.03
N PRO A 94 -27.80 -13.21 5.56
CA PRO A 94 -26.95 -14.36 5.95
C PRO A 94 -25.48 -14.10 5.67
N GLY A 95 -24.62 -14.65 6.56
CA GLY A 95 -23.18 -14.54 6.43
C GLY A 95 -22.59 -13.22 6.87
N GLN A 96 -23.39 -12.25 7.26
CA GLN A 96 -22.87 -10.96 7.73
C GLN A 96 -22.39 -11.04 9.19
N THR A 97 -21.40 -10.20 9.51
CA THR A 97 -20.88 -10.02 10.86
C THR A 97 -20.97 -8.56 11.29
N GLY A 98 -20.64 -8.32 12.55
CA GLY A 98 -20.62 -6.99 13.13
C GLY A 98 -21.56 -6.90 14.32
N LYS A 99 -21.65 -5.68 14.87
CA LYS A 99 -22.25 -5.51 16.20
C LYS A 99 -23.69 -6.00 16.24
N ILE A 100 -24.47 -5.65 15.22
CA ILE A 100 -25.85 -6.13 15.13
C ILE A 100 -25.89 -7.63 14.84
N ALA A 101 -25.20 -8.04 13.79
CA ALA A 101 -25.23 -9.44 13.39
C ALA A 101 -24.65 -10.34 14.47
N ASP A 102 -23.68 -9.86 15.25
CA ASP A 102 -22.99 -10.70 16.24
C ASP A 102 -23.68 -10.72 17.59
N TYR A 103 -24.28 -9.62 18.02
CA TYR A 103 -24.76 -9.49 19.39
C TYR A 103 -26.22 -9.09 19.45
N ASN A 104 -26.89 -8.96 18.31
CA ASN A 104 -28.28 -8.57 18.36
C ASN A 104 -29.18 -9.51 17.56
N TYR A 105 -28.84 -9.82 16.31
CA TYR A 105 -29.75 -10.60 15.46
C TYR A 105 -28.99 -11.24 14.30
N LYS A 106 -28.82 -12.56 14.32
CA LYS A 106 -28.18 -13.26 13.22
C LYS A 106 -29.13 -14.25 12.55
N LEU A 107 -29.07 -14.29 11.22
CA LEU A 107 -29.67 -15.26 10.30
C LEU A 107 -28.67 -16.40 10.09
N PRO A 108 -29.19 -17.61 9.97
CA PRO A 108 -28.33 -18.74 9.63
C PRO A 108 -27.67 -18.51 8.29
N ASP A 109 -26.60 -19.24 8.05
CA ASP A 109 -26.01 -19.21 6.71
C ASP A 109 -26.93 -19.89 5.70
N ASP A 110 -27.62 -20.96 6.10
CA ASP A 110 -28.55 -21.66 5.24
C ASP A 110 -29.90 -20.95 5.14
N PHE A 111 -29.97 -19.67 5.49
CA PHE A 111 -31.24 -18.95 5.59
C PHE A 111 -32.12 -19.16 4.35
N THR A 112 -33.43 -19.30 4.58
CA THR A 112 -34.40 -19.23 3.49
C THR A 112 -35.56 -18.37 3.96
N GLY A 113 -35.72 -17.22 3.32
CA GLY A 113 -36.65 -16.19 3.77
C GLY A 113 -36.36 -14.89 3.07
N CYS A 114 -37.06 -13.84 3.50
CA CYS A 114 -36.89 -12.51 2.94
C CYS A 114 -36.69 -11.48 4.05
N VAL A 115 -35.68 -10.63 3.85
CA VAL A 115 -35.42 -9.50 4.72
C VAL A 115 -36.02 -8.26 4.07
N ILE A 116 -36.83 -7.53 4.81
CA ILE A 116 -37.50 -6.34 4.33
C ILE A 116 -37.24 -5.21 5.31
N ALA A 117 -37.00 -4.01 4.79
CA ALA A 117 -36.80 -2.83 5.63
C ALA A 117 -37.36 -1.62 4.92
N TRP A 118 -37.50 -0.53 5.68
CA TRP A 118 -37.95 0.75 5.14
C TRP A 118 -37.61 1.84 6.14
N ASN A 119 -37.39 3.04 5.63
CA ASN A 119 -37.00 4.16 6.49
C ASN A 119 -38.19 4.66 7.29
N SER A 120 -37.95 4.94 8.56
CA SER A 120 -38.97 5.32 9.52
C SER A 120 -38.51 6.52 10.32
N ASN A 121 -37.78 7.44 9.68
CA ASN A 121 -37.26 8.61 10.39
C ASN A 121 -38.39 9.44 10.96
N ASN A 122 -39.48 9.57 10.21
CA ASN A 122 -40.60 10.43 10.57
C ASN A 122 -41.33 9.95 11.80
N LEU A 123 -41.22 8.66 12.13
CA LEU A 123 -41.92 8.04 13.24
C LEU A 123 -41.00 7.76 14.44
N ASP A 124 -39.79 7.28 14.18
CA ASP A 124 -38.93 6.77 15.24
C ASP A 124 -37.86 7.78 15.67
N SER A 125 -37.84 8.98 15.10
CA SER A 125 -36.96 10.02 15.59
C SER A 125 -37.73 11.05 16.43
N LYS A 126 -36.97 11.84 17.18
CA LYS A 126 -37.49 12.92 18.01
C LYS A 126 -36.41 14.01 18.06
N VAL A 127 -36.85 15.27 18.23
CA VAL A 127 -35.94 16.40 18.00
C VAL A 127 -34.76 16.37 18.98
N GLY A 128 -35.01 16.04 20.24
CA GLY A 128 -33.91 15.85 21.16
C GLY A 128 -33.24 14.51 21.09
N GLY A 129 -33.70 13.65 20.17
CA GLY A 129 -33.26 12.27 20.06
C GLY A 129 -34.21 11.32 20.75
N ASN A 130 -34.64 10.26 20.09
CA ASN A 130 -35.47 9.27 20.76
C ASN A 130 -34.56 8.15 21.26
N TYR A 131 -34.54 7.95 22.57
CA TYR A 131 -33.64 7.00 23.21
C TYR A 131 -34.30 5.67 23.54
N ASN A 132 -35.52 5.41 23.04
CA ASN A 132 -36.19 4.14 23.35
C ASN A 132 -35.48 2.96 22.71
N TYR A 133 -35.00 3.13 21.49
CA TYR A 133 -34.46 2.01 20.74
C TYR A 133 -33.03 1.72 21.18
N LEU A 134 -32.75 0.45 21.50
CA LEU A 134 -31.48 0.02 22.06
C LEU A 134 -30.81 -1.06 21.22
N TYR A 135 -29.48 -1.07 21.25
CA TYR A 135 -28.66 -2.16 20.74
C TYR A 135 -27.73 -2.66 21.84
N ARG A 136 -27.42 -3.95 21.80
CA ARG A 136 -26.40 -4.52 22.68
C ARG A 136 -25.01 -4.27 22.09
N LEU A 137 -24.16 -3.64 22.88
CA LEU A 137 -22.81 -3.29 22.43
C LEU A 137 -21.76 -4.31 22.81
N PHE A 138 -22.01 -5.13 23.84
CA PHE A 138 -21.01 -6.06 24.36
C PHE A 138 -21.64 -7.44 24.55
N ARG A 139 -20.93 -8.47 24.11
CA ARG A 139 -21.30 -9.84 24.44
C ARG A 139 -20.04 -10.69 24.30
N LYS A 140 -19.94 -11.74 25.14
CA LYS A 140 -18.72 -12.55 25.15
C LYS A 140 -18.65 -13.46 23.94
N SER A 141 -19.80 -13.83 23.38
CA SER A 141 -19.88 -14.72 22.22
C SER A 141 -20.85 -14.15 21.21
N ASN A 142 -20.55 -14.38 19.94
CA ASN A 142 -21.52 -14.13 18.88
C ASN A 142 -22.80 -14.93 19.12
N LEU A 143 -23.94 -14.26 18.95
CA LEU A 143 -25.21 -14.97 18.92
C LEU A 143 -25.14 -16.15 17.96
N LYS A 144 -25.81 -17.22 18.32
CA LYS A 144 -26.16 -18.25 17.36
C LYS A 144 -27.38 -17.78 16.59
N PRO A 145 -27.70 -18.40 15.44
CA PRO A 145 -28.77 -17.83 14.59
C PRO A 145 -30.14 -17.95 15.24
N PHE A 146 -30.82 -16.81 15.30
CA PHE A 146 -32.16 -16.62 15.85
C PHE A 146 -32.16 -16.57 17.37
N GLU A 147 -31.00 -16.59 18.01
CA GLU A 147 -30.91 -16.31 19.43
C GLU A 147 -31.38 -14.90 19.74
N ARG A 148 -31.93 -14.73 20.95
CA ARG A 148 -32.34 -13.43 21.47
C ARG A 148 -31.82 -13.34 22.89
N ASP A 149 -31.04 -12.30 23.17
CA ASP A 149 -30.42 -12.08 24.48
C ASP A 149 -30.95 -10.75 25.01
N ILE A 150 -31.75 -10.80 26.06
CA ILE A 150 -32.28 -9.57 26.65
C ILE A 150 -31.67 -9.30 28.03
N SER A 151 -30.58 -9.96 28.37
CA SER A 151 -29.97 -9.74 29.68
C SER A 151 -29.37 -8.34 29.76
N THR A 152 -29.38 -7.80 30.98
CA THR A 152 -28.85 -6.47 31.29
C THR A 152 -27.71 -6.50 32.29
N GLU A 153 -27.04 -7.64 32.45
CA GLU A 153 -25.88 -7.73 33.31
C GLU A 153 -24.80 -6.72 32.89
N ILE A 154 -24.03 -6.25 33.87
CA ILE A 154 -22.90 -5.38 33.56
C ILE A 154 -21.82 -6.21 32.88
N TYR A 155 -21.29 -5.71 31.76
CA TYR A 155 -20.24 -6.40 31.04
C TYR A 155 -18.90 -6.18 31.73
N GLN A 156 -18.21 -7.28 31.99
CA GLN A 156 -16.94 -7.26 32.70
C GLN A 156 -15.81 -7.32 31.67
N ALA A 157 -15.24 -6.15 31.38
CA ALA A 157 -14.08 -6.05 30.49
C ALA A 157 -12.76 -6.27 31.22
N GLY A 158 -12.78 -6.30 32.55
CA GLY A 158 -11.56 -6.36 33.33
C GLY A 158 -11.48 -7.67 34.11
N SER A 159 -10.29 -7.92 34.67
CA SER A 159 -10.05 -9.15 35.41
C SER A 159 -10.73 -9.17 36.78
N THR A 160 -11.25 -8.04 37.25
CA THR A 160 -11.90 -8.15 38.54
C THR A 160 -13.41 -8.01 38.38
N PRO A 161 -14.20 -8.73 39.17
CA PRO A 161 -15.66 -8.67 39.03
C PRO A 161 -16.17 -7.25 39.15
N CYS A 162 -17.37 -7.05 38.60
CA CYS A 162 -18.03 -5.74 38.65
C CYS A 162 -18.92 -5.57 39.87
N ASN A 163 -19.38 -6.68 40.47
CA ASN A 163 -20.12 -6.67 41.74
C ASN A 163 -21.29 -5.69 41.69
N GLY A 164 -21.91 -5.58 40.52
CA GLY A 164 -23.11 -4.81 40.39
C GLY A 164 -22.93 -3.32 40.29
N VAL A 165 -21.72 -2.86 39.99
CA VAL A 165 -21.41 -1.44 39.95
C VAL A 165 -20.75 -1.11 38.61
N GLU A 166 -21.37 -0.24 37.84
CA GLU A 166 -20.76 0.20 36.60
C GLU A 166 -19.58 1.13 36.89
N GLY A 167 -18.56 1.02 36.06
CA GLY A 167 -17.42 1.91 36.17
C GLY A 167 -16.41 1.58 35.10
N PHE A 168 -15.16 1.93 35.37
CA PHE A 168 -14.07 1.48 34.52
C PHE A 168 -14.14 -0.04 34.36
N ASN A 169 -14.08 -0.49 33.10
CA ASN A 169 -14.11 -1.90 32.71
C ASN A 169 -15.41 -2.60 33.13
N CYS A 170 -16.42 -1.82 33.51
CA CYS A 170 -17.69 -2.37 33.99
C CYS A 170 -18.82 -1.60 33.30
N TYR A 171 -19.31 -2.11 32.18
CA TYR A 171 -20.18 -1.32 31.34
C TYR A 171 -21.56 -1.94 31.18
N PHE A 172 -22.57 -1.10 31.26
CA PHE A 172 -23.88 -1.57 30.90
C PHE A 172 -23.87 -2.03 29.45
N PRO A 173 -24.48 -3.18 29.13
CA PRO A 173 -24.26 -3.80 27.81
C PRO A 173 -25.12 -3.21 26.69
N LEU A 174 -26.26 -2.63 27.01
CA LEU A 174 -27.09 -1.96 26.04
C LEU A 174 -26.73 -0.48 25.96
N GLN A 175 -27.03 0.11 24.82
CA GLN A 175 -26.76 1.51 24.53
C GLN A 175 -27.82 1.94 23.53
N SER A 176 -28.13 3.24 23.53
CA SER A 176 -29.23 3.74 22.71
C SER A 176 -28.73 4.42 21.45
N TYR A 177 -29.45 4.20 20.34
CA TYR A 177 -29.36 5.13 19.23
C TYR A 177 -29.85 6.50 19.68
N GLY A 178 -29.31 7.54 19.08
CA GLY A 178 -29.79 8.84 19.50
C GLY A 178 -30.68 9.49 18.47
N PHE A 179 -31.64 8.74 17.93
CA PHE A 179 -32.34 9.07 16.69
C PHE A 179 -32.91 10.48 16.70
N GLN A 180 -32.22 11.41 16.06
CA GLN A 180 -32.78 12.73 15.80
C GLN A 180 -33.17 12.82 14.32
N PRO A 181 -34.29 13.47 14.00
CA PRO A 181 -34.72 13.56 12.59
C PRO A 181 -33.66 14.17 11.65
N THR A 182 -32.73 14.96 12.16
CA THR A 182 -31.70 15.64 11.38
C THR A 182 -30.50 14.76 11.05
N ASN A 183 -30.48 13.50 11.50
CA ASN A 183 -29.32 12.66 11.28
C ASN A 183 -29.19 12.27 9.82
N GLY A 184 -27.94 12.05 9.40
CA GLY A 184 -27.71 11.42 8.12
C GLY A 184 -28.43 10.09 8.00
N VAL A 185 -28.69 9.70 6.75
CA VAL A 185 -29.37 8.45 6.43
C VAL A 185 -28.73 7.27 7.17
N GLY A 186 -27.40 7.29 7.30
CA GLY A 186 -26.72 6.19 7.97
C GLY A 186 -27.20 5.98 9.39
N TYR A 187 -27.58 7.08 10.08
CA TYR A 187 -28.01 7.06 11.47
C TYR A 187 -29.47 7.47 11.61
N GLN A 188 -30.28 7.20 10.55
CA GLN A 188 -31.73 7.30 10.63
C GLN A 188 -32.32 5.92 10.88
N PRO A 189 -33.49 5.86 11.51
CA PRO A 189 -34.07 4.56 11.86
C PRO A 189 -34.74 3.87 10.69
N TYR A 190 -34.70 2.53 10.74
CA TYR A 190 -35.23 1.68 9.69
C TYR A 190 -35.97 0.51 10.34
N ARG A 191 -37.28 0.41 10.15
CA ARG A 191 -38.02 -0.75 10.63
C ARG A 191 -37.77 -1.94 9.72
N VAL A 192 -37.49 -3.09 10.32
CA VAL A 192 -37.04 -4.28 9.62
C VAL A 192 -38.01 -5.40 9.95
N VAL A 193 -38.33 -6.20 8.93
CA VAL A 193 -39.15 -7.39 9.06
C VAL A 193 -38.42 -8.52 8.35
N VAL A 194 -38.19 -9.61 9.06
CA VAL A 194 -37.53 -10.78 8.52
C VAL A 194 -38.54 -11.91 8.55
N LEU A 195 -38.89 -12.42 7.35
CA LEU A 195 -39.79 -13.56 7.22
C LEU A 195 -38.96 -14.83 7.09
N SER A 196 -39.22 -15.81 7.96
CA SER A 196 -38.58 -17.12 7.83
C SER A 196 -39.58 -18.11 7.24
N PHE A 197 -39.19 -18.76 6.15
CA PHE A 197 -40.02 -19.76 5.49
C PHE A 197 -39.50 -21.11 5.92
N GLU A 198 -40.18 -21.71 6.90
CA GLU A 198 -39.73 -22.97 7.45
C GLU A 198 -40.32 -24.12 6.63
N LEU A 199 -39.49 -25.12 6.34
CA LEU A 199 -39.96 -26.30 5.63
C LEU A 199 -39.66 -27.53 6.48
N LEU A 200 -40.71 -28.16 6.97
CA LEU A 200 -40.65 -29.37 7.79
C LEU A 200 -41.32 -30.51 7.04
N HIS A 201 -40.89 -31.73 7.34
CA HIS A 201 -41.50 -32.91 6.71
C HIS A 201 -42.99 -33.01 7.01
N ALA A 202 -43.44 -32.42 8.11
CA ALA A 202 -44.85 -32.35 8.49
C ALA A 202 -45.66 -31.63 7.42
N PRO A 203 -47.00 -31.69 7.46
CA PRO A 203 -47.78 -31.06 6.38
C PRO A 203 -47.78 -29.55 6.46
N ALA A 204 -47.77 -28.92 5.28
CA ALA A 204 -47.74 -27.47 5.16
C ALA A 204 -48.97 -26.82 5.79
N THR A 205 -48.84 -25.51 6.06
CA THR A 205 -49.95 -24.70 6.54
C THR A 205 -49.91 -23.27 6.03
N VAL A 206 -48.88 -22.86 5.29
CA VAL A 206 -48.79 -21.49 4.78
C VAL A 206 -48.61 -21.60 3.27
N CYS A 207 -49.69 -21.31 2.52
CA CYS A 207 -49.74 -21.41 1.07
C CYS A 207 -50.39 -20.16 0.48
N GLY A 208 -50.44 -20.11 -0.84
CA GLY A 208 -51.01 -18.97 -1.57
C GLY A 208 -52.34 -19.22 -2.26
N GLU B 1 -3.14 -0.57 37.56
CA GLU B 1 -3.74 -1.90 37.51
C GLU B 1 -3.76 -2.45 36.08
N VAL B 2 -3.83 -1.54 35.12
CA VAL B 2 -4.09 -1.89 33.73
C VAL B 2 -2.88 -1.54 32.87
N GLN B 3 -2.54 -2.42 31.93
CA GLN B 3 -1.32 -2.30 31.14
C GLN B 3 -1.49 -3.01 29.80
N LEU B 4 -0.84 -2.44 28.77
CA LEU B 4 -0.62 -3.08 27.47
C LEU B 4 0.85 -2.91 27.09
N VAL B 5 1.55 -4.01 26.86
CA VAL B 5 2.98 -4.00 26.60
C VAL B 5 3.24 -4.74 25.30
N GLU B 6 3.55 -4.00 24.24
CA GLU B 6 3.83 -4.65 22.96
C GLU B 6 5.34 -4.96 22.81
N SER B 7 5.62 -5.94 21.95
CA SER B 7 6.98 -6.33 21.59
C SER B 7 6.93 -7.00 20.24
N GLY B 8 8.09 -7.47 19.77
CA GLY B 8 8.20 -8.24 18.54
C GLY B 8 8.79 -7.47 17.37
N GLY B 9 8.76 -6.13 17.41
CA GLY B 9 9.23 -5.36 16.28
C GLY B 9 10.74 -5.43 16.10
N GLY B 10 11.17 -5.16 14.87
CA GLY B 10 12.58 -5.16 14.56
C GLY B 10 12.89 -4.61 13.17
N LEU B 11 13.89 -5.21 12.53
CA LEU B 11 14.21 -4.90 11.11
C LEU B 11 13.92 -6.17 10.33
N ILE B 12 13.13 -6.07 9.25
CA ILE B 12 12.80 -7.26 8.41
C ILE B 12 13.00 -6.96 6.93
N GLN B 13 13.54 -7.91 6.16
CA GLN B 13 13.58 -7.83 4.72
C GLN B 13 12.18 -7.64 4.16
N PRO B 14 12.02 -6.84 3.11
CA PRO B 14 10.73 -6.82 2.40
C PRO B 14 10.34 -8.21 1.94
N GLY B 15 9.05 -8.53 2.06
CA GLY B 15 8.52 -9.86 1.82
C GLY B 15 8.55 -10.76 3.03
N GLY B 16 9.44 -10.51 3.98
CA GLY B 16 9.52 -11.32 5.18
C GLY B 16 8.28 -11.20 6.04
N SER B 17 8.30 -11.91 7.17
CA SER B 17 7.14 -11.94 8.10
C SER B 17 7.56 -11.60 9.53
N LEU B 18 6.60 -11.24 10.39
CA LEU B 18 6.88 -10.93 11.81
C LEU B 18 5.61 -11.08 12.63
N ARG B 19 5.75 -11.45 13.91
CA ARG B 19 4.57 -11.51 14.79
C ARG B 19 4.75 -10.54 15.93
N LEU B 20 3.87 -9.54 16.01
CA LEU B 20 3.87 -8.63 17.13
C LEU B 20 3.01 -9.22 18.24
N SER B 21 3.38 -8.91 19.48
CA SER B 21 2.63 -9.39 20.63
C SER B 21 2.26 -8.20 21.48
N CYS B 22 1.08 -8.26 22.10
CA CYS B 22 0.64 -7.23 23.04
C CYS B 22 0.13 -7.91 24.30
N ALA B 23 0.97 -7.93 25.33
CA ALA B 23 0.60 -8.54 26.62
C ALA B 23 -0.26 -7.57 27.41
N ALA B 24 -1.39 -8.04 27.91
CA ALA B 24 -2.28 -7.19 28.69
C ALA B 24 -2.32 -7.67 30.13
N SER B 25 -2.60 -6.73 31.03
CA SER B 25 -2.97 -7.05 32.39
C SER B 25 -4.09 -6.11 32.82
N GLY B 26 -5.05 -6.65 33.59
CA GLY B 26 -6.22 -5.86 33.94
C GLY B 26 -7.32 -6.05 32.91
N PHE B 27 -7.08 -5.58 31.70
CA PHE B 27 -7.93 -5.95 30.57
C PHE B 27 -7.84 -7.45 30.33
N ILE B 28 -9.00 -8.10 30.20
CA ILE B 28 -9.07 -9.41 29.57
C ILE B 28 -9.25 -9.20 28.07
N VAL B 29 -8.22 -9.51 27.28
CA VAL B 29 -8.27 -9.23 25.84
C VAL B 29 -9.46 -9.91 25.21
N SER B 30 -9.71 -11.19 25.56
CA SER B 30 -10.78 -11.99 24.97
C SER B 30 -12.16 -11.36 25.15
N SER B 31 -12.32 -10.47 26.14
CA SER B 31 -13.57 -9.79 26.40
C SER B 31 -13.63 -8.37 25.84
N ASN B 32 -12.65 -7.97 25.05
CA ASN B 32 -12.58 -6.59 24.62
C ASN B 32 -12.47 -6.45 23.11
N TYR B 33 -12.94 -5.29 22.62
CA TYR B 33 -12.51 -4.76 21.33
C TYR B 33 -11.05 -4.36 21.44
N MET B 34 -10.18 -5.11 20.80
CA MET B 34 -8.76 -4.81 20.78
C MET B 34 -8.36 -4.43 19.36
N SER B 35 -7.33 -3.59 19.24
CA SER B 35 -7.02 -2.99 17.94
C SER B 35 -5.54 -2.68 17.82
N TRP B 36 -5.04 -2.76 16.59
CA TRP B 36 -3.70 -2.33 16.23
C TRP B 36 -3.83 -1.07 15.37
N VAL B 37 -3.19 0.01 15.80
CA VAL B 37 -3.08 1.26 15.08
C VAL B 37 -1.59 1.53 14.91
N ARG B 38 -1.19 2.08 13.76
CA ARG B 38 0.22 2.26 13.47
C ARG B 38 0.49 3.71 13.08
N GLN B 39 1.77 4.05 12.91
CA GLN B 39 2.16 5.43 12.68
C GLN B 39 3.55 5.45 12.06
N ALA B 40 3.64 5.79 10.77
CA ALA B 40 4.94 5.84 10.12
C ALA B 40 5.77 6.99 10.70
N PRO B 41 7.09 6.84 10.77
CA PRO B 41 7.90 7.83 11.49
C PRO B 41 7.73 9.24 10.94
N GLY B 42 7.47 10.18 11.84
CA GLY B 42 7.19 11.55 11.45
C GLY B 42 5.83 11.79 10.86
N LYS B 43 4.99 10.76 10.77
CA LYS B 43 3.73 10.87 10.04
C LYS B 43 2.56 10.61 10.99
N GLY B 44 1.35 10.57 10.41
CA GLY B 44 0.14 10.54 11.19
C GLY B 44 -0.28 9.14 11.59
N LEU B 45 -1.48 9.04 12.17
CA LEU B 45 -1.97 7.77 12.68
C LEU B 45 -2.81 7.06 11.61
N GLU B 46 -2.68 5.74 11.56
CA GLU B 46 -3.48 4.91 10.65
C GLU B 46 -3.92 3.64 11.39
N TRP B 47 -5.22 3.47 11.55
CA TRP B 47 -5.77 2.21 12.04
C TRP B 47 -5.34 1.03 11.13
N VAL B 48 -5.23 -0.16 11.72
CA VAL B 48 -4.73 -1.33 11.01
C VAL B 48 -5.71 -2.49 11.10
N SER B 49 -6.00 -2.94 12.33
CA SER B 49 -6.90 -4.08 12.52
C SER B 49 -7.64 -3.95 13.83
N ILE B 50 -8.73 -4.71 13.96
CA ILE B 50 -9.53 -4.80 15.17
C ILE B 50 -10.06 -6.21 15.30
N ILE B 51 -10.33 -6.63 16.52
CA ILE B 51 -10.95 -7.92 16.80
C ILE B 51 -11.99 -7.70 17.89
N TYR B 52 -13.19 -8.20 17.65
CA TYR B 52 -14.37 -7.94 18.47
C TYR B 52 -14.43 -8.91 19.64
N SER B 53 -15.11 -8.50 20.72
CA SER B 53 -15.21 -9.35 21.91
C SER B 53 -15.69 -10.75 21.55
N GLY B 54 -16.57 -10.86 20.55
CA GLY B 54 -17.06 -12.14 20.09
C GLY B 54 -16.24 -12.78 18.98
N GLY B 55 -15.17 -12.15 18.52
CA GLY B 55 -14.22 -12.76 17.61
C GLY B 55 -14.16 -12.20 16.21
N SER B 56 -15.11 -11.35 15.79
CA SER B 56 -15.07 -10.79 14.44
C SER B 56 -13.81 -9.94 14.24
N THR B 57 -13.24 -10.00 13.04
CA THR B 57 -12.03 -9.26 12.72
C THR B 57 -12.21 -8.42 11.46
N TYR B 58 -11.55 -7.26 11.44
CA TYR B 58 -11.53 -6.37 10.28
C TYR B 58 -10.14 -5.78 10.14
N TYR B 59 -9.87 -5.27 8.94
CA TYR B 59 -8.53 -4.89 8.55
C TYR B 59 -8.59 -3.65 7.67
N ALA B 60 -7.60 -2.77 7.83
CA ALA B 60 -7.38 -1.75 6.83
C ALA B 60 -7.20 -2.41 5.46
N ASP B 61 -7.62 -1.72 4.41
CA ASP B 61 -7.50 -2.31 3.08
C ASP B 61 -6.04 -2.51 2.67
N SER B 62 -5.13 -1.72 3.25
CA SER B 62 -3.71 -1.82 2.93
C SER B 62 -3.10 -3.15 3.36
N VAL B 63 -3.71 -3.81 4.36
CA VAL B 63 -3.11 -4.98 4.96
C VAL B 63 -3.97 -6.22 4.80
N LYS B 64 -5.18 -6.07 4.25
CA LYS B 64 -6.09 -7.19 4.06
C LYS B 64 -5.42 -8.30 3.28
N GLY B 65 -5.40 -9.51 3.85
CA GLY B 65 -4.75 -10.63 3.24
C GLY B 65 -3.34 -10.85 3.74
N ARG B 66 -2.65 -9.78 4.15
CA ARG B 66 -1.28 -9.86 4.64
C ARG B 66 -1.19 -10.00 6.15
N PHE B 67 -2.11 -9.37 6.88
CA PHE B 67 -2.04 -9.22 8.33
C PHE B 67 -3.18 -9.99 8.98
N THR B 68 -2.91 -10.54 10.17
CA THR B 68 -3.91 -11.33 10.87
C THR B 68 -3.86 -10.95 12.35
N ILE B 69 -4.98 -10.47 12.89
CA ILE B 69 -5.10 -10.19 14.30
C ILE B 69 -5.71 -11.41 14.99
N SER B 70 -5.04 -11.92 16.01
CA SER B 70 -5.58 -12.98 16.83
C SER B 70 -5.31 -12.66 18.30
N ARG B 71 -5.79 -13.52 19.19
CA ARG B 71 -5.63 -13.32 20.61
C ARG B 71 -5.48 -14.67 21.30
N ASP B 72 -4.98 -14.65 22.53
CA ASP B 72 -4.74 -15.87 23.30
C ASP B 72 -5.24 -15.66 24.72
N ASN B 73 -6.07 -16.58 25.21
CA ASN B 73 -6.57 -16.46 26.58
C ASN B 73 -5.52 -16.92 27.59
N SER B 74 -4.79 -17.99 27.26
CA SER B 74 -3.76 -18.49 28.16
C SER B 74 -2.75 -17.40 28.47
N ASN B 75 -2.14 -16.80 27.44
CA ASN B 75 -1.18 -15.72 27.61
C ASN B 75 -1.83 -14.35 27.87
N ASN B 76 -3.17 -14.24 27.84
CA ASN B 76 -3.90 -12.96 27.83
C ASN B 76 -3.24 -11.95 26.88
N THR B 77 -3.08 -12.35 25.62
CA THR B 77 -2.28 -11.57 24.69
C THR B 77 -3.01 -11.34 23.37
N LEU B 78 -2.82 -10.16 22.79
CA LEU B 78 -3.20 -9.84 21.43
C LEU B 78 -2.00 -9.94 20.50
N TYR B 79 -2.21 -10.51 19.30
CA TYR B 79 -1.14 -10.71 18.32
C TYR B 79 -1.49 -10.07 16.98
N LEU B 80 -0.45 -9.78 16.19
CA LEU B 80 -0.62 -9.34 14.80
C LEU B 80 0.48 -9.99 13.97
N GLN B 81 0.11 -11.01 13.18
CA GLN B 81 1.04 -11.66 12.28
C GLN B 81 1.12 -10.88 10.97
N MET B 82 2.28 -10.33 10.69
CA MET B 82 2.45 -9.46 9.53
C MET B 82 3.32 -10.18 8.52
N ASN B 83 2.74 -10.54 7.38
CA ASN B 83 3.43 -11.24 6.31
C ASN B 83 3.55 -10.35 5.08
N SER B 84 4.45 -10.74 4.17
CA SER B 84 4.68 -9.97 2.94
C SER B 84 4.87 -8.49 3.26
N LEU B 85 5.74 -8.21 4.23
CA LEU B 85 5.93 -6.84 4.66
C LEU B 85 6.52 -6.01 3.52
N ARG B 86 5.93 -4.85 3.30
CA ARG B 86 6.48 -3.88 2.36
C ARG B 86 7.15 -2.75 3.13
N ALA B 87 7.95 -1.96 2.40
CA ALA B 87 8.60 -0.81 3.01
C ALA B 87 7.59 0.08 3.72
N GLU B 88 6.47 0.41 3.04
CA GLU B 88 5.47 1.29 3.65
C GLU B 88 4.85 0.72 4.92
N ASP B 89 5.09 -0.56 5.22
CA ASP B 89 4.66 -1.09 6.51
C ASP B 89 5.50 -0.60 7.68
N THR B 90 6.65 0.03 7.39
CA THR B 90 7.52 0.56 8.43
C THR B 90 6.81 1.64 9.24
N ALA B 91 6.72 1.41 10.55
CA ALA B 91 6.02 2.29 11.48
C ALA B 91 6.16 1.74 12.89
N VAL B 92 5.72 2.54 13.86
CA VAL B 92 5.49 2.09 15.22
C VAL B 92 4.08 1.50 15.31
N TYR B 93 3.97 0.27 15.79
CA TYR B 93 2.68 -0.41 15.92
C TYR B 93 2.22 -0.35 17.37
N TYR B 94 1.05 0.25 17.58
CA TYR B 94 0.40 0.40 18.87
C TYR B 94 -0.70 -0.63 19.08
N CYS B 95 -0.85 -1.07 20.32
CA CYS B 95 -1.93 -1.95 20.73
C CYS B 95 -2.91 -1.14 21.57
N ALA B 96 -4.21 -1.27 21.32
CA ALA B 96 -5.17 -0.42 22.00
C ALA B 96 -6.43 -1.19 22.37
N ARG B 97 -7.01 -0.86 23.51
CA ARG B 97 -8.38 -1.30 23.75
C ARG B 97 -9.36 -0.32 23.11
N ALA B 98 -10.38 -0.86 22.46
CA ALA B 98 -11.40 -0.05 21.79
C ALA B 98 -12.72 -0.12 22.55
N LEU B 99 -13.43 1.01 22.56
CA LEU B 99 -14.73 1.14 23.20
C LEU B 99 -15.63 1.99 22.32
N GLN B 100 -16.94 1.88 22.56
CA GLN B 100 -17.92 2.71 21.90
C GLN B 100 -18.92 3.24 22.93
N VAL B 101 -18.47 3.38 24.18
CA VAL B 101 -19.39 3.42 25.32
C VAL B 101 -20.08 4.77 25.48
N GLY B 102 -19.50 5.87 25.04
CA GLY B 102 -20.36 7.04 25.08
C GLY B 102 -20.72 7.64 23.73
N ALA B 103 -20.60 6.86 22.65
CA ALA B 103 -20.55 7.46 21.32
C ALA B 103 -21.16 6.55 20.27
N THR B 104 -21.43 7.16 19.12
CA THR B 104 -21.86 6.45 17.92
C THR B 104 -20.70 5.85 17.14
N SER B 105 -19.46 6.20 17.46
CA SER B 105 -18.28 5.64 16.81
C SER B 105 -17.31 5.13 17.87
N ASP B 106 -16.44 4.21 17.45
CA ASP B 106 -15.46 3.58 18.32
C ASP B 106 -14.27 4.52 18.57
N TYR B 107 -13.67 4.36 19.75
CA TYR B 107 -12.47 5.10 20.10
C TYR B 107 -11.55 4.19 20.89
N PHE B 108 -10.31 4.65 21.07
CA PHE B 108 -9.26 3.86 21.73
C PHE B 108 -8.85 4.61 22.99
N ASP B 109 -9.26 4.10 24.15
CA ASP B 109 -9.12 4.85 25.38
C ASP B 109 -7.86 4.50 26.18
N TYR B 110 -7.25 3.35 25.92
CA TYR B 110 -5.98 3.04 26.53
C TYR B 110 -5.04 2.45 25.48
N TRP B 111 -3.80 2.94 25.45
CA TRP B 111 -2.82 2.56 24.45
C TRP B 111 -1.55 2.04 25.10
N GLY B 112 -0.88 1.14 24.39
CA GLY B 112 0.45 0.68 24.78
C GLY B 112 1.53 1.57 24.21
N GLN B 113 2.78 1.23 24.54
CA GLN B 113 3.87 2.17 24.29
C GLN B 113 4.30 2.17 22.82
N GLY B 114 4.17 1.04 22.16
CA GLY B 114 4.47 0.98 20.73
C GLY B 114 5.73 0.18 20.50
N THR B 115 5.74 -0.61 19.43
CA THR B 115 6.91 -1.37 19.04
C THR B 115 7.25 -1.02 17.59
N LEU B 116 8.53 -0.82 17.31
CA LEU B 116 8.94 -0.25 16.03
C LEU B 116 9.23 -1.35 15.02
N VAL B 117 8.56 -1.28 13.87
CA VAL B 117 8.77 -2.23 12.78
C VAL B 117 9.42 -1.46 11.64
N THR B 118 10.60 -1.93 11.20
CA THR B 118 11.33 -1.33 10.10
C THR B 118 11.57 -2.37 9.02
N VAL B 119 10.92 -2.19 7.87
CA VAL B 119 11.07 -3.09 6.73
C VAL B 119 12.00 -2.41 5.74
N SER B 120 13.17 -3.00 5.53
CA SER B 120 14.16 -2.45 4.61
C SER B 120 15.16 -3.54 4.30
N SER B 121 15.86 -3.38 3.17
CA SER B 121 16.92 -4.31 2.77
C SER B 121 18.28 -3.88 3.28
N ALA B 122 18.38 -2.69 3.86
CA ALA B 122 19.58 -2.31 4.60
C ALA B 122 19.74 -3.21 5.80
N SER B 123 20.97 -3.68 6.01
CA SER B 123 21.30 -4.50 7.16
C SER B 123 21.56 -3.63 8.40
N THR B 124 21.47 -4.26 9.57
CA THR B 124 21.74 -3.54 10.79
C THR B 124 23.20 -3.08 10.83
N LYS B 125 23.43 -1.92 11.44
CA LYS B 125 24.79 -1.48 11.72
C LYS B 125 24.85 -0.85 13.10
N GLY B 126 25.83 -1.27 13.89
CA GLY B 126 26.09 -0.67 15.18
C GLY B 126 26.69 0.73 15.11
N PRO B 127 26.42 1.54 16.13
CA PRO B 127 26.99 2.89 16.17
C PRO B 127 28.45 2.84 16.57
N SER B 128 29.16 3.91 16.21
CA SER B 128 30.45 4.20 16.78
C SER B 128 30.26 5.38 17.73
N VAL B 129 30.70 5.22 18.96
CA VAL B 129 30.50 6.23 20.00
C VAL B 129 31.81 6.97 20.20
N PHE B 130 31.78 8.27 20.01
CA PHE B 130 33.00 9.07 20.20
C PHE B 130 32.78 10.09 21.29
N PRO B 131 33.80 10.37 22.12
CA PRO B 131 33.67 11.39 23.17
C PRO B 131 33.74 12.81 22.62
N LEU B 132 32.97 13.70 23.23
CA LEU B 132 33.07 15.12 22.98
C LEU B 132 33.68 15.76 24.23
N ALA B 133 35.01 15.89 24.23
CA ALA B 133 35.73 16.41 25.40
C ALA B 133 35.19 17.77 25.81
N PRO B 134 35.10 18.05 27.12
CA PRO B 134 34.50 19.30 27.60
C PRO B 134 35.02 20.56 26.94
N SER B 135 34.08 21.49 26.74
CA SER B 135 34.23 22.81 26.13
C SER B 135 33.23 23.73 26.82
N SER B 136 33.45 25.05 26.70
CA SER B 136 32.54 26.03 27.31
C SER B 136 31.22 26.23 26.56
N GLY B 142 29.78 30.60 33.77
CA GLY B 142 30.94 29.73 33.80
C GLY B 142 30.61 28.25 33.79
N THR B 143 30.02 27.78 32.69
CA THR B 143 29.63 26.39 32.58
C THR B 143 30.40 25.71 31.46
N ALA B 144 30.20 24.39 31.37
CA ALA B 144 30.89 23.56 30.39
C ALA B 144 29.89 22.58 29.77
N ALA B 145 30.23 22.08 28.60
CA ALA B 145 29.43 21.06 27.94
C ALA B 145 30.34 19.91 27.50
N LEU B 146 29.93 18.69 27.81
CA LEU B 146 30.55 17.49 27.28
C LEU B 146 29.45 16.58 26.75
N GLY B 147 29.84 15.54 26.02
CA GLY B 147 28.86 14.56 25.62
C GLY B 147 29.45 13.46 24.76
N CYS B 148 28.53 12.77 24.07
CA CYS B 148 28.85 11.59 23.28
C CYS B 148 28.26 11.75 21.88
N LEU B 149 29.09 11.45 20.88
CA LEU B 149 28.64 11.39 19.50
C LEU B 149 28.37 9.93 19.19
N VAL B 150 27.12 9.58 18.88
CA VAL B 150 26.72 8.20 18.49
C VAL B 150 26.51 8.21 16.99
N LYS B 151 27.48 7.72 16.22
CA LYS B 151 27.41 7.92 14.75
C LYS B 151 27.27 6.66 13.91
N ASP B 152 26.71 6.83 12.72
CA ASP B 152 26.61 5.76 11.70
C ASP B 152 25.95 4.49 12.23
N TYR B 153 24.69 4.58 12.65
CA TYR B 153 24.01 3.36 13.03
C TYR B 153 22.72 3.23 12.23
N PHE B 154 22.20 1.99 12.19
CA PHE B 154 20.97 1.68 11.49
C PHE B 154 20.40 0.37 12.00
N PRO B 155 19.09 0.28 12.29
CA PRO B 155 18.14 1.38 12.19
C PRO B 155 17.91 2.00 13.55
N GLU B 156 16.84 2.78 13.69
CA GLU B 156 16.42 3.28 14.97
C GLU B 156 15.96 2.14 15.89
N PRO B 157 15.91 2.37 17.21
CA PRO B 157 16.38 3.55 17.94
C PRO B 157 17.69 3.29 18.69
N VAL B 158 18.16 4.35 19.34
CA VAL B 158 19.34 4.33 20.20
C VAL B 158 18.94 4.98 21.53
N THR B 159 19.30 4.34 22.64
CA THR B 159 19.07 4.91 23.96
C THR B 159 20.42 5.32 24.57
N VAL B 160 20.42 6.47 25.26
CA VAL B 160 21.63 6.99 25.88
C VAL B 160 21.34 7.36 27.33
N SER B 161 22.17 6.85 28.25
CA SER B 161 22.17 7.30 29.65
C SER B 161 23.59 7.58 30.11
N TRP B 162 23.71 8.33 31.21
CA TRP B 162 24.99 8.71 31.80
C TRP B 162 25.11 8.15 33.22
N ASN B 163 26.31 7.64 33.55
CA ASN B 163 26.63 7.12 34.89
C ASN B 163 25.59 6.10 35.35
N SER B 164 25.34 5.13 34.48
CA SER B 164 24.35 4.07 34.69
C SER B 164 22.97 4.64 35.01
N GLY B 165 22.67 5.82 34.46
CA GLY B 165 21.39 6.44 34.69
C GLY B 165 21.26 7.30 35.93
N ALA B 166 22.34 7.46 36.72
CA ALA B 166 22.23 8.23 37.95
C ALA B 166 22.72 9.67 37.80
N LEU B 167 23.26 10.05 36.64
CA LEU B 167 23.55 11.46 36.35
C LEU B 167 22.44 12.00 35.44
N THR B 168 21.56 12.81 36.01
CA THR B 168 20.46 13.40 35.26
C THR B 168 20.52 14.91 35.10
N SER B 169 21.33 15.63 35.89
CA SER B 169 21.35 17.09 35.82
C SER B 169 22.00 17.57 34.53
N GLY B 170 21.38 18.54 33.87
CA GLY B 170 21.97 19.14 32.68
C GLY B 170 22.26 18.18 31.55
N VAL B 171 21.40 17.17 31.36
CA VAL B 171 21.60 16.11 30.38
C VAL B 171 20.53 16.25 29.31
N HIS B 172 20.97 16.24 28.05
CA HIS B 172 20.08 16.42 26.91
C HIS B 172 20.53 15.50 25.79
N THR B 173 19.65 14.59 25.39
CA THR B 173 19.89 13.69 24.27
C THR B 173 19.05 14.14 23.08
N PHE B 174 19.67 14.21 21.93
CA PHE B 174 19.08 14.86 20.77
C PHE B 174 18.28 13.88 19.91
N PRO B 175 17.41 14.39 19.05
CA PRO B 175 16.83 13.54 18.01
C PRO B 175 17.91 13.15 17.01
N ALA B 176 17.88 11.92 16.55
CA ALA B 176 18.87 11.48 15.58
C ALA B 176 18.73 12.29 14.29
N VAL B 177 19.81 12.33 13.52
CA VAL B 177 19.74 12.85 12.15
C VAL B 177 19.96 11.67 11.22
N LEU B 178 19.23 11.67 10.11
CA LEU B 178 19.38 10.64 9.09
C LEU B 178 20.33 11.22 8.05
N GLN B 179 21.52 10.64 7.94
CA GLN B 179 22.55 11.20 7.08
C GLN B 179 22.30 10.82 5.61
N SER B 180 23.02 11.50 4.71
CA SER B 180 22.97 11.21 3.29
C SER B 180 23.14 9.71 3.06
N SER B 181 23.94 9.06 3.90
CA SER B 181 24.28 7.65 3.73
C SER B 181 23.11 6.70 3.98
N GLY B 182 22.00 7.17 4.55
CA GLY B 182 20.99 6.27 5.07
C GLY B 182 21.18 5.83 6.50
N LEU B 183 22.32 6.15 7.13
CA LEU B 183 22.59 5.82 8.53
C LEU B 183 22.20 6.98 9.45
N TYR B 184 21.83 6.65 10.68
CA TYR B 184 21.41 7.68 11.65
C TYR B 184 22.58 8.04 12.56
N SER B 185 22.57 9.25 13.12
CA SER B 185 23.64 9.70 14.04
C SER B 185 23.02 10.62 15.08
N LEU B 186 23.27 10.37 16.35
CA LEU B 186 22.78 11.33 17.37
C LEU B 186 23.88 11.70 18.36
N SER B 187 23.68 12.79 19.07
CA SER B 187 24.57 13.16 20.16
C SER B 187 23.78 13.45 21.44
N SER B 188 24.39 13.09 22.58
CA SER B 188 23.86 13.40 23.90
C SER B 188 24.91 14.23 24.64
N VAL B 189 24.51 15.43 25.06
CA VAL B 189 25.44 16.33 25.76
C VAL B 189 25.08 16.43 27.24
N VAL B 190 26.02 16.93 28.03
CA VAL B 190 25.77 17.22 29.43
C VAL B 190 26.38 18.59 29.74
N THR B 191 25.58 19.48 30.32
CA THR B 191 26.11 20.75 30.80
C THR B 191 26.49 20.62 32.27
N VAL B 192 27.73 20.97 32.57
CA VAL B 192 28.27 20.75 33.91
C VAL B 192 28.96 22.01 34.41
N PRO B 193 29.02 22.22 35.73
CA PRO B 193 29.89 23.29 36.25
C PRO B 193 31.33 23.06 35.85
N SER B 194 31.96 24.10 35.32
CA SER B 194 33.41 24.06 35.09
C SER B 194 34.18 23.62 36.33
N SER B 195 33.72 24.03 37.51
CA SER B 195 34.38 23.68 38.76
C SER B 195 34.37 22.17 38.99
N SER B 196 33.31 21.49 38.53
CA SER B 196 33.15 20.05 38.71
C SER B 196 34.02 19.24 37.77
N LEU B 197 34.76 19.90 36.88
CA LEU B 197 35.26 19.21 35.69
C LEU B 197 36.23 18.09 36.03
N GLY B 198 37.15 18.32 36.96
CA GLY B 198 38.02 17.24 37.37
C GLY B 198 37.38 16.31 38.37
N THR B 199 36.41 16.81 39.15
CA THR B 199 35.90 16.05 40.29
C THR B 199 34.99 14.90 39.85
N GLN B 200 33.92 15.22 39.14
CA GLN B 200 32.99 14.22 38.67
C GLN B 200 33.61 13.39 37.55
N THR B 201 33.11 12.17 37.39
CA THR B 201 33.45 11.26 36.29
C THR B 201 32.22 11.07 35.41
N TYR B 202 32.39 11.24 34.10
CA TYR B 202 31.27 11.17 33.17
C TYR B 202 31.47 10.04 32.16
N ILE B 203 30.51 9.10 32.13
CA ILE B 203 30.53 7.99 31.19
C ILE B 203 29.15 7.87 30.57
N CYS B 204 29.07 7.97 29.25
CA CYS B 204 27.81 7.72 28.55
C CYS B 204 27.63 6.24 28.24
N ASN B 205 26.43 5.73 28.50
CA ASN B 205 26.04 4.37 28.13
C ASN B 205 25.16 4.45 26.91
N VAL B 206 25.56 3.78 25.84
CA VAL B 206 24.84 3.78 24.57
C VAL B 206 24.40 2.35 24.28
N ASN B 207 23.17 2.22 23.83
CA ASN B 207 22.53 0.93 23.65
C ASN B 207 21.78 0.95 22.32
N HIS B 208 22.21 0.10 21.38
CA HIS B 208 21.57 -0.02 20.06
C HIS B 208 21.03 -1.42 19.98
N LYS B 209 19.81 -1.61 20.48
CA LYS B 209 19.26 -2.96 20.57
C LYS B 209 19.17 -3.67 19.22
N PRO B 210 18.74 -3.02 18.10
CA PRO B 210 18.77 -3.71 16.79
C PRO B 210 20.08 -4.44 16.48
N SER B 211 21.24 -3.84 16.78
CA SER B 211 22.52 -4.50 16.52
C SER B 211 23.10 -5.19 17.76
N ASN B 212 22.42 -5.13 18.90
CA ASN B 212 22.92 -5.70 20.15
C ASN B 212 24.25 -5.05 20.56
N THR B 213 24.38 -3.76 20.30
CA THR B 213 25.56 -3.00 20.70
C THR B 213 25.27 -2.32 22.03
N LYS B 214 26.06 -2.67 23.05
CA LYS B 214 26.12 -1.94 24.30
C LYS B 214 27.52 -1.35 24.43
N VAL B 215 27.62 -0.03 24.56
CA VAL B 215 28.90 0.65 24.67
C VAL B 215 28.82 1.63 25.83
N ASP B 216 29.91 1.70 26.62
CA ASP B 216 30.20 2.82 27.50
C ASP B 216 31.30 3.66 26.89
N LYS B 217 31.39 4.92 27.32
CA LYS B 217 32.53 5.73 26.90
C LYS B 217 32.73 6.86 27.90
N LYS B 218 33.84 6.79 28.65
CA LYS B 218 34.17 7.88 29.56
C LYS B 218 34.60 9.09 28.76
N VAL B 219 34.19 10.28 29.22
CA VAL B 219 34.45 11.52 28.50
C VAL B 219 35.34 12.37 29.38
N GLU B 220 36.61 12.37 29.08
CA GLU B 220 37.59 13.10 29.84
C GLU B 220 37.97 14.38 29.11
N PRO B 221 38.49 15.37 29.83
CA PRO B 221 38.97 16.59 29.17
C PRO B 221 40.25 16.33 28.38
N LYS B 222 40.67 17.32 27.62
CA LYS B 222 41.93 17.21 26.88
C LYS B 222 42.59 18.59 26.71
N SER C 2 -5.25 11.98 4.18
CA SER C 2 -5.96 12.15 5.45
C SER C 2 -7.45 12.47 5.24
N VAL C 3 -8.33 11.53 5.60
CA VAL C 3 -9.78 11.66 5.43
C VAL C 3 -10.33 12.90 6.13
N LEU C 4 -10.26 12.91 7.47
CA LEU C 4 -10.55 14.12 8.24
C LEU C 4 -9.40 15.09 8.06
N THR C 5 -9.69 16.39 8.13
CA THR C 5 -8.73 17.44 7.81
C THR C 5 -8.59 18.42 8.96
N GLN C 6 -7.39 18.52 9.52
CA GLN C 6 -7.06 19.43 10.60
C GLN C 6 -5.94 20.37 10.18
N PRO C 7 -5.90 21.59 10.72
CA PRO C 7 -4.78 22.50 10.41
C PRO C 7 -3.46 21.90 10.83
N PRO C 8 -2.42 22.04 10.00
CA PRO C 8 -1.10 21.51 10.37
C PRO C 8 -0.58 22.05 11.70
N SER C 9 -0.98 23.26 12.08
CA SER C 9 -0.48 23.85 13.32
C SER C 9 -1.39 25.01 13.74
N VAL C 10 -1.41 25.24 15.06
CA VAL C 10 -2.09 26.37 15.70
C VAL C 10 -1.18 26.85 16.81
N SER C 11 -1.41 28.09 17.25
CA SER C 11 -0.54 28.76 18.22
C SER C 11 -1.37 29.47 19.28
N GLY C 12 -0.77 29.62 20.45
CA GLY C 12 -1.39 30.35 21.53
C GLY C 12 -0.40 30.69 22.63
N ALA C 13 -0.74 31.71 23.39
CA ALA C 13 0.05 32.06 24.56
C ALA C 13 -0.59 31.48 25.81
N PRO C 14 0.17 31.29 26.88
CA PRO C 14 -0.43 30.70 28.10
C PRO C 14 -1.58 31.55 28.61
N GLY C 15 -2.56 30.88 29.22
CA GLY C 15 -3.80 31.51 29.63
C GLY C 15 -4.80 31.73 28.52
N GLN C 16 -4.43 31.51 27.26
CA GLN C 16 -5.36 31.77 26.19
C GLN C 16 -6.25 30.56 25.95
N ARG C 17 -7.07 30.67 24.89
CA ARG C 17 -7.99 29.63 24.45
C ARG C 17 -7.73 29.38 22.98
N VAL C 18 -7.14 28.23 22.68
CA VAL C 18 -6.85 27.80 21.32
C VAL C 18 -7.92 26.80 20.94
N THR C 19 -8.29 26.79 19.66
CA THR C 19 -9.22 25.79 19.15
C THR C 19 -8.60 25.12 17.93
N ILE C 20 -8.81 23.82 17.83
CA ILE C 20 -8.32 23.01 16.72
C ILE C 20 -9.52 22.40 16.03
N SER C 21 -9.66 22.65 14.73
CA SER C 21 -10.80 22.19 13.97
C SER C 21 -10.51 20.85 13.30
N CYS C 22 -11.60 20.11 13.04
CA CYS C 22 -11.57 18.82 12.36
C CYS C 22 -12.76 18.79 11.41
N THR C 23 -12.51 18.91 10.11
CA THR C 23 -13.60 18.90 9.12
C THR C 23 -13.64 17.57 8.37
N GLY C 24 -14.82 16.93 8.41
CA GLY C 24 -15.08 15.74 7.62
C GLY C 24 -16.11 15.95 6.53
N SER C 25 -16.94 14.94 6.28
CA SER C 25 -17.86 14.93 5.14
C SER C 25 -19.19 14.32 5.58
N SER C 26 -19.98 13.88 4.59
CA SER C 26 -21.23 13.17 4.83
C SER C 26 -21.02 11.67 5.00
N SER C 27 -19.82 11.18 4.75
CA SER C 27 -19.48 9.79 5.02
C SER C 27 -18.94 9.54 6.42
N ASN C 28 -18.71 10.58 7.22
CA ASN C 28 -18.28 10.38 8.60
C ASN C 28 -19.03 11.30 9.55
N ILE C 29 -18.49 12.50 9.82
CA ILE C 29 -19.09 13.43 10.77
C ILE C 29 -20.53 13.78 10.38
N GLY C 30 -20.75 14.00 9.07
CA GLY C 30 -22.09 14.18 8.51
C GLY C 30 -22.93 12.92 8.45
N ALA C 31 -22.31 11.75 8.60
CA ALA C 31 -23.07 10.51 8.76
C ALA C 31 -23.56 10.30 10.18
N GLY C 32 -23.09 11.10 11.13
CA GLY C 32 -23.46 10.93 12.52
C GLY C 32 -22.51 10.08 13.34
N TYR C 33 -21.37 9.72 12.78
CA TYR C 33 -20.31 9.14 13.59
C TYR C 33 -19.63 10.26 14.38
N ASP C 34 -19.55 10.06 15.69
CA ASP C 34 -18.97 11.04 16.61
C ASP C 34 -17.48 11.22 16.33
N VAL C 35 -16.95 12.32 16.88
CA VAL C 35 -15.54 12.66 16.76
C VAL C 35 -14.88 12.51 18.13
N HIS C 36 -13.64 12.04 18.09
CA HIS C 36 -12.81 11.81 19.26
C HIS C 36 -11.48 12.52 19.06
N TRP C 37 -10.80 12.82 20.17
CA TRP C 37 -9.58 13.63 20.10
C TRP C 37 -8.49 13.03 20.97
N TYR C 38 -7.31 12.87 20.41
CA TYR C 38 -6.17 12.28 21.10
C TYR C 38 -5.01 13.26 21.17
N GLN C 39 -4.26 13.17 22.26
CA GLN C 39 -3.04 13.99 22.42
C GLN C 39 -1.86 13.05 22.34
N GLN C 40 -0.84 13.42 21.58
CA GLN C 40 0.38 12.59 21.55
C GLN C 40 1.60 13.47 21.68
N LEU C 41 2.39 13.20 22.70
CA LEU C 41 3.67 13.91 22.82
C LEU C 41 4.63 13.11 21.96
N PRO C 42 5.50 13.74 21.15
CA PRO C 42 6.44 13.00 20.36
C PRO C 42 7.27 12.00 21.16
N GLY C 43 7.42 10.79 20.61
CA GLY C 43 8.20 9.74 21.28
C GLY C 43 7.32 8.92 22.19
N THR C 44 6.07 9.30 22.30
CA THR C 44 5.23 8.60 23.29
C THR C 44 3.97 8.04 22.65
N ALA C 45 3.07 7.54 23.47
CA ALA C 45 1.87 6.89 22.98
C ALA C 45 0.69 7.87 22.97
N PRO C 46 -0.33 7.77 22.08
CA PRO C 46 -1.46 8.68 22.18
C PRO C 46 -2.26 8.48 23.45
N LYS C 47 -3.02 9.51 23.80
CA LYS C 47 -3.86 9.51 24.99
C LYS C 47 -5.23 10.05 24.60
N LEU C 48 -6.27 9.30 24.95
CA LEU C 48 -7.64 9.76 24.68
C LEU C 48 -7.89 11.01 25.50
N LEU C 49 -8.31 12.07 24.82
CA LEU C 49 -8.55 13.37 25.41
C LEU C 49 -10.03 13.72 25.46
N ILE C 50 -10.75 13.48 24.37
CA ILE C 50 -12.19 13.66 24.29
C ILE C 50 -12.77 12.50 23.48
N TYR C 51 -13.90 11.96 23.94
CA TYR C 51 -14.62 10.96 23.17
C TYR C 51 -16.09 11.35 23.04
N GLY C 52 -16.71 10.83 22.00
CA GLY C 52 -18.13 11.05 21.84
C GLY C 52 -18.44 12.51 21.62
N ASN C 53 -17.59 13.19 20.84
CA ASN C 53 -17.66 14.62 20.52
C ASN C 53 -17.25 15.52 21.66
N SER C 54 -17.64 15.19 22.89
CA SER C 54 -17.49 16.21 23.94
C SER C 54 -17.25 15.69 25.36
N ASN C 55 -17.41 14.39 25.61
CA ASN C 55 -17.15 13.83 26.92
C ASN C 55 -15.65 13.79 27.20
N ARG C 56 -15.30 13.98 28.46
CA ARG C 56 -13.92 13.88 28.91
C ARG C 56 -13.71 12.60 29.69
N PRO C 57 -12.76 11.76 29.31
CA PRO C 57 -12.40 10.64 30.18
C PRO C 57 -11.94 11.15 31.54
N SER C 58 -12.12 10.32 32.55
CA SER C 58 -11.62 10.69 33.88
C SER C 58 -10.12 10.89 33.82
N GLY C 59 -9.66 12.02 34.36
CA GLY C 59 -8.26 12.37 34.34
C GLY C 59 -7.91 13.46 33.35
N VAL C 60 -8.88 13.98 32.62
CA VAL C 60 -8.68 15.03 31.65
C VAL C 60 -9.30 16.30 32.21
N PRO C 61 -8.51 17.35 32.46
CA PRO C 61 -9.03 18.51 33.18
C PRO C 61 -10.09 19.21 32.35
N ASP C 62 -11.03 19.85 33.04
CA ASP C 62 -12.11 20.52 32.35
C ASP C 62 -11.63 21.53 31.30
N ARG C 63 -10.32 21.79 31.22
CA ARG C 63 -9.79 22.74 30.24
C ARG C 63 -10.07 22.28 28.80
N PHE C 64 -10.08 20.98 28.57
CA PHE C 64 -10.32 20.40 27.25
C PHE C 64 -11.81 20.16 27.07
N SER C 65 -12.37 20.69 25.98
CA SER C 65 -13.75 20.40 25.62
C SER C 65 -13.85 20.20 24.11
N GLY C 66 -15.00 19.65 23.68
CA GLY C 66 -15.21 19.32 22.29
C GLY C 66 -16.63 19.65 21.85
N SER C 67 -16.81 19.66 20.53
CA SER C 67 -18.08 19.99 19.90
C SER C 67 -18.06 19.47 18.47
N LYS C 68 -19.26 19.38 17.87
CA LYS C 68 -19.43 18.85 16.53
C LYS C 68 -20.63 19.51 15.88
N SER C 69 -20.45 20.03 14.67
CA SER C 69 -21.53 20.71 13.96
C SER C 69 -21.48 20.35 12.49
N GLY C 70 -22.55 19.74 11.99
CA GLY C 70 -22.59 19.30 10.60
C GLY C 70 -21.48 18.32 10.26
N THR C 71 -20.52 18.76 9.45
CA THR C 71 -19.39 17.91 9.08
C THR C 71 -18.07 18.32 9.72
N SER C 72 -18.07 19.28 10.64
CA SER C 72 -16.87 19.71 11.32
C SER C 72 -17.02 19.52 12.82
N ALA C 73 -15.88 19.35 13.47
CA ALA C 73 -15.81 19.24 14.93
C ALA C 73 -14.61 20.05 15.40
N SER C 74 -14.57 20.32 16.72
CA SER C 74 -13.61 21.30 17.23
C SER C 74 -13.17 20.92 18.63
N LEU C 75 -11.85 21.01 18.86
CA LEU C 75 -11.23 20.85 20.16
C LEU C 75 -10.88 22.22 20.73
N ALA C 76 -11.41 22.52 21.92
CA ALA C 76 -11.12 23.76 22.61
C ALA C 76 -10.22 23.49 23.81
N ILE C 77 -9.10 24.22 23.89
CA ILE C 77 -8.20 24.15 25.03
C ILE C 77 -8.18 25.53 25.66
N THR C 78 -8.86 25.70 26.80
CA THR C 78 -8.83 26.98 27.51
C THR C 78 -7.77 26.97 28.62
N GLY C 79 -7.31 28.17 28.94
CA GLY C 79 -6.22 28.29 29.88
C GLY C 79 -5.03 27.57 29.32
N LEU C 80 -4.55 27.91 28.14
CA LEU C 80 -3.43 27.15 27.54
C LEU C 80 -2.18 27.13 28.42
N GLN C 81 -1.61 25.95 28.63
CA GLN C 81 -0.35 25.76 29.38
C GLN C 81 0.70 25.20 28.42
N ALA C 82 1.98 25.33 28.72
CA ALA C 82 3.03 24.90 27.75
C ALA C 82 3.15 23.38 27.71
N GLU C 83 2.58 22.69 28.69
CA GLU C 83 2.60 21.20 28.70
C GLU C 83 1.66 20.73 27.61
N ASP C 84 0.82 21.63 27.10
CA ASP C 84 -0.10 21.30 26.00
C ASP C 84 0.60 21.53 24.65
N GLU C 85 1.91 21.74 24.64
CA GLU C 85 2.64 21.92 23.38
C GLU C 85 2.95 20.53 22.81
N THR C 86 1.96 19.94 22.15
CA THR C 86 2.05 18.58 21.65
C THR C 86 1.25 18.49 20.36
N ASP C 87 1.23 17.28 19.80
CA ASP C 87 0.41 16.95 18.64
C ASP C 87 -0.98 16.51 19.07
N TYR C 88 -1.99 16.91 18.29
CA TYR C 88 -3.38 16.54 18.52
C TYR C 88 -3.92 15.88 17.27
N TYR C 89 -4.68 14.79 17.46
CA TYR C 89 -5.31 14.06 16.37
C TYR C 89 -6.80 13.91 16.65
N CYS C 90 -7.63 14.16 15.63
CA CYS C 90 -9.03 13.75 15.73
C CYS C 90 -9.26 12.43 15.01
N GLN C 91 -10.42 11.83 15.26
CA GLN C 91 -10.71 10.49 14.81
C GLN C 91 -12.21 10.32 14.77
N SER C 92 -12.69 9.74 13.67
CA SER C 92 -14.08 9.35 13.56
C SER C 92 -14.12 7.98 12.89
N CYS C 93 -15.27 7.63 12.38
CA CYS C 93 -15.45 6.44 11.57
C CYS C 93 -16.14 6.89 10.29
N ASP C 94 -15.81 6.23 9.19
CA ASP C 94 -16.33 6.56 7.87
C ASP C 94 -17.21 5.40 7.40
N SER C 95 -18.32 5.70 6.74
CA SER C 95 -19.21 4.63 6.32
C SER C 95 -19.01 4.19 4.88
N SER C 96 -18.48 5.10 4.05
CA SER C 96 -18.13 4.79 2.64
C SER C 96 -17.19 3.60 2.64
N LEU C 97 -16.11 3.69 3.41
CA LEU C 97 -15.24 2.52 3.62
C LEU C 97 -15.41 2.24 5.10
N SER C 98 -16.01 1.12 5.50
CA SER C 98 -16.27 0.92 6.95
C SER C 98 -14.95 0.77 7.69
N VAL C 99 -14.22 1.86 7.87
CA VAL C 99 -12.87 1.83 8.50
C VAL C 99 -12.85 3.07 9.37
N VAL C 100 -12.18 2.97 10.51
CA VAL C 100 -12.02 4.16 11.34
C VAL C 100 -10.99 5.07 10.70
N VAL C 101 -11.27 6.37 10.66
CA VAL C 101 -10.39 7.32 9.99
C VAL C 101 -9.87 8.36 10.98
N PHE C 102 -8.61 8.73 10.83
CA PHE C 102 -7.99 9.78 11.62
C PHE C 102 -7.84 11.06 10.80
N GLY C 103 -7.86 12.19 11.49
CA GLY C 103 -7.37 13.43 10.91
C GLY C 103 -5.88 13.35 10.69
N GLY C 104 -5.36 14.36 10.00
CA GLY C 104 -3.94 14.40 9.71
C GLY C 104 -3.05 14.82 10.86
N GLY C 105 -3.61 15.42 11.92
CA GLY C 105 -2.75 15.89 12.98
C GLY C 105 -2.59 17.40 12.99
N THR C 106 -2.25 17.92 14.17
CA THR C 106 -2.06 19.35 14.41
C THR C 106 -0.95 19.50 15.45
N LYS C 107 0.04 20.34 15.17
CA LYS C 107 1.10 20.62 16.13
C LYS C 107 0.79 21.95 16.81
N LEU C 108 0.57 21.90 18.13
CA LEU C 108 0.25 23.10 18.90
C LEU C 108 1.54 23.66 19.50
N THR C 109 1.84 24.91 19.17
CA THR C 109 2.99 25.63 19.69
C THR C 109 2.49 26.67 20.69
N VAL C 110 3.11 26.69 21.88
CA VAL C 110 2.75 27.63 22.93
C VAL C 110 3.75 28.78 22.92
N LEU C 111 3.24 30.00 22.78
CA LEU C 111 4.03 31.21 22.57
C LEU C 111 4.06 32.06 23.85
N GLY C 112 4.31 33.36 23.68
CA GLY C 112 4.45 34.28 24.81
C GLY C 112 5.41 33.84 25.90
N GLN C 113 6.69 33.70 25.56
CA GLN C 113 7.78 33.57 26.52
C GLN C 113 8.84 34.59 26.11
N PRO C 114 9.65 35.09 27.04
CA PRO C 114 10.69 36.05 26.65
C PRO C 114 11.79 35.40 25.83
N LYS C 115 12.31 36.16 24.89
CA LYS C 115 13.41 35.68 24.06
C LYS C 115 14.63 35.34 24.92
N ALA C 116 15.08 34.11 24.81
CA ALA C 116 16.36 33.68 25.37
C ALA C 116 17.31 33.38 24.20
N ALA C 117 18.50 34.01 24.21
CA ALA C 117 19.49 33.81 23.16
C ALA C 117 20.16 32.44 23.32
N PRO C 118 20.81 31.92 22.27
CA PRO C 118 21.38 30.57 22.35
C PRO C 118 22.78 30.54 22.93
N SER C 119 23.09 29.42 23.55
CA SER C 119 24.46 29.11 23.93
C SER C 119 25.02 28.10 22.91
N VAL C 120 26.19 28.42 22.35
CA VAL C 120 26.79 27.67 21.26
C VAL C 120 28.11 27.08 21.73
N THR C 121 28.20 25.74 21.72
CA THR C 121 29.44 25.01 21.96
C THR C 121 29.82 24.22 20.70
N LEU C 122 31.03 24.46 20.20
CA LEU C 122 31.55 23.84 18.98
C LEU C 122 32.58 22.79 19.34
N PHE C 123 32.26 21.51 19.08
CA PHE C 123 33.16 20.41 19.41
C PHE C 123 33.95 20.01 18.18
N PRO C 124 35.28 20.01 18.23
CA PRO C 124 36.09 19.51 17.09
C PRO C 124 36.03 18.00 17.01
N PRO C 125 36.52 17.38 15.95
CA PRO C 125 36.50 15.91 15.89
C PRO C 125 37.31 15.33 17.04
N SER C 126 36.79 14.27 17.64
CA SER C 126 37.61 13.55 18.61
C SER C 126 38.82 12.92 17.93
N SER C 127 39.86 12.66 18.73
CA SER C 127 41.03 11.96 18.21
C SER C 127 40.68 10.52 17.84
N GLU C 128 39.73 9.92 18.54
CA GLU C 128 39.30 8.57 18.21
C GLU C 128 38.60 8.53 16.86
N GLU C 129 37.82 9.55 16.53
CA GLU C 129 37.21 9.62 15.21
C GLU C 129 38.25 9.86 14.13
N LEU C 130 39.28 10.66 14.42
CA LEU C 130 40.30 10.92 13.42
C LEU C 130 41.06 9.65 13.09
N GLN C 131 41.33 8.83 14.12
CA GLN C 131 41.91 7.51 13.90
C GLN C 131 41.05 6.67 12.98
N ALA C 132 39.71 6.76 13.11
CA ALA C 132 38.80 6.00 12.27
C ALA C 132 38.62 6.62 10.89
N ASN C 133 39.55 7.47 10.46
CA ASN C 133 39.49 8.13 9.15
C ASN C 133 38.13 8.78 8.91
N LYS C 134 37.60 9.42 9.96
CA LYS C 134 36.37 10.19 9.91
C LYS C 134 36.58 11.47 10.71
N ALA C 135 35.64 12.41 10.58
CA ALA C 135 35.75 13.70 11.23
C ALA C 135 34.40 14.40 11.19
N THR C 136 33.88 14.74 12.37
CA THR C 136 32.60 15.44 12.51
C THR C 136 32.81 16.62 13.43
N LEU C 137 32.31 17.79 13.03
CA LEU C 137 32.19 18.94 13.92
C LEU C 137 30.78 19.00 14.48
N VAL C 138 30.65 19.00 15.80
CA VAL C 138 29.34 19.09 16.45
C VAL C 138 29.17 20.48 17.02
N CYS C 139 27.99 21.05 16.79
CA CYS C 139 27.67 22.41 17.21
C CYS C 139 26.38 22.35 18.00
N LEU C 140 26.50 22.29 19.32
CA LEU C 140 25.36 22.23 20.22
C LEU C 140 24.84 23.64 20.50
N ILE C 141 23.51 23.79 20.49
CA ILE C 141 22.85 25.07 20.66
C ILE C 141 21.78 24.88 21.72
N SER C 142 22.00 25.42 22.90
CA SER C 142 21.10 25.17 24.02
C SER C 142 20.43 26.47 24.47
N ASP C 143 19.32 26.31 25.20
CA ASP C 143 18.73 27.35 26.03
C ASP C 143 18.21 28.55 25.23
N PHE C 144 17.68 28.34 24.02
CA PHE C 144 17.08 29.44 23.28
C PHE C 144 15.57 29.34 23.31
N TYR C 145 14.91 30.50 23.20
CA TYR C 145 13.49 30.65 22.93
C TYR C 145 13.37 31.92 22.09
N PRO C 146 12.56 31.90 21.01
CA PRO C 146 11.79 30.75 20.50
C PRO C 146 12.68 29.66 19.89
N GLY C 147 12.13 28.49 19.61
CA GLY C 147 12.89 27.43 18.99
C GLY C 147 13.09 27.63 17.50
N ALA C 148 13.84 28.65 17.10
CA ALA C 148 14.08 28.88 15.68
C ALA C 148 15.47 29.46 15.50
N VAL C 149 16.34 28.72 14.80
CA VAL C 149 17.74 29.09 14.59
C VAL C 149 18.12 28.91 13.13
N THR C 150 19.18 29.62 12.72
CA THR C 150 19.78 29.49 11.39
C THR C 150 21.27 29.19 11.55
N VAL C 151 21.66 27.95 11.26
CA VAL C 151 23.06 27.53 11.39
C VAL C 151 23.77 27.74 10.05
N ALA C 152 24.96 28.32 10.10
CA ALA C 152 25.80 28.49 8.91
C ALA C 152 27.22 28.13 9.27
N TRP C 153 27.83 27.21 8.52
CA TRP C 153 29.19 26.77 8.76
C TRP C 153 30.16 27.56 7.88
N LYS C 154 31.43 27.55 8.30
CA LYS C 154 32.49 28.19 7.55
C LYS C 154 33.75 27.36 7.68
N ALA C 155 34.54 27.31 6.61
CA ALA C 155 35.90 26.78 6.63
C ALA C 155 36.82 27.94 6.29
N ASP C 156 37.67 28.32 7.26
CA ASP C 156 38.43 29.56 7.19
C ASP C 156 37.44 30.71 7.13
N SER C 157 37.38 31.40 5.99
CA SER C 157 36.37 32.42 5.74
C SER C 157 35.35 32.02 4.67
N SER C 158 35.39 30.76 4.20
CA SER C 158 34.50 30.29 3.15
C SER C 158 33.35 29.50 3.74
N PRO C 159 32.09 29.91 3.53
CA PRO C 159 30.97 29.09 4.01
C PRO C 159 30.96 27.73 3.34
N VAL C 160 30.43 26.75 4.06
CA VAL C 160 30.41 25.37 3.64
C VAL C 160 28.99 24.87 3.86
N LYS C 161 28.43 24.22 2.82
CA LYS C 161 27.07 23.70 2.92
C LYS C 161 26.97 22.20 2.72
N ALA C 162 27.88 21.60 1.95
CA ALA C 162 27.93 20.14 1.89
C ALA C 162 28.30 19.55 3.25
N GLY C 163 27.68 18.43 3.59
CA GLY C 163 28.00 17.72 4.80
C GLY C 163 27.31 18.18 6.06
N VAL C 164 26.40 19.13 5.97
CA VAL C 164 25.67 19.63 7.14
C VAL C 164 24.44 18.76 7.37
N GLU C 165 24.22 18.38 8.62
CA GLU C 165 22.91 17.91 9.07
C GLU C 165 22.61 18.61 10.39
N THR C 166 21.38 19.11 10.51
CA THR C 166 20.98 19.91 11.66
C THR C 166 19.64 19.39 12.20
N THR C 167 19.50 19.38 13.51
CA THR C 167 18.30 18.86 14.12
C THR C 167 17.26 19.98 14.24
N THR C 168 16.01 19.57 14.40
CA THR C 168 14.85 20.41 14.66
C THR C 168 14.73 20.63 16.17
N PRO C 169 14.63 21.87 16.63
CA PRO C 169 14.68 22.11 18.09
C PRO C 169 13.57 21.38 18.83
N SER C 170 13.91 20.92 20.03
CA SER C 170 12.95 20.31 20.95
C SER C 170 13.25 20.86 22.34
N LYS C 171 12.26 20.76 23.22
CA LYS C 171 12.43 21.32 24.57
C LYS C 171 13.43 20.49 25.37
N GLN C 172 14.28 21.19 26.11
CA GLN C 172 15.19 20.50 27.01
C GLN C 172 14.40 20.09 28.25
N SER C 173 15.08 19.88 29.37
CA SER C 173 14.37 19.56 30.63
C SER C 173 13.99 20.84 31.37
N ASN C 174 14.32 22.00 30.80
CA ASN C 174 14.09 23.30 31.47
C ASN C 174 13.08 24.13 30.68
N ASN C 175 12.50 23.57 29.61
CA ASN C 175 11.48 24.26 28.76
C ASN C 175 12.13 25.25 27.78
N LYS C 176 13.45 25.30 27.72
CA LYS C 176 14.14 26.13 26.69
C LYS C 176 14.47 25.16 25.56
N TYR C 177 14.87 25.64 24.38
CA TYR C 177 15.01 24.63 23.32
C TYR C 177 16.47 24.30 23.09
N ALA C 178 16.76 23.11 22.58
CA ALA C 178 18.12 22.74 22.18
C ALA C 178 18.08 22.28 20.73
N ALA C 179 19.17 22.57 20.01
CA ALA C 179 19.33 22.08 18.66
C ALA C 179 20.78 21.63 18.47
N SER C 180 21.04 20.94 17.35
CA SER C 180 22.38 20.48 17.02
C SER C 180 22.59 20.45 15.51
N SER C 181 23.79 20.85 15.08
CA SER C 181 24.21 20.73 13.70
C SER C 181 25.54 19.98 13.65
N TYR C 182 25.75 19.25 12.57
CA TYR C 182 26.95 18.46 12.39
C TYR C 182 27.57 18.80 11.05
N LEU C 183 28.89 18.87 11.01
CA LEU C 183 29.61 19.10 9.76
C LEU C 183 30.52 17.92 9.51
N SER C 184 30.33 17.27 8.38
CA SER C 184 31.11 16.09 8.07
C SER C 184 32.31 16.50 7.23
N LEU C 185 33.48 16.05 7.66
CA LEU C 185 34.74 16.41 7.06
C LEU C 185 35.56 15.16 6.85
N THR C 186 36.56 15.27 6.00
CA THR C 186 37.55 14.20 6.12
C THR C 186 38.69 14.63 7.04
N PRO C 187 39.43 13.66 7.62
CA PRO C 187 40.61 14.04 8.41
C PRO C 187 41.55 14.97 7.66
N GLU C 188 41.77 14.71 6.38
CA GLU C 188 42.61 15.59 5.58
C GLU C 188 42.01 17.01 5.46
N GLN C 189 40.69 17.12 5.27
CA GLN C 189 40.06 18.44 5.25
C GLN C 189 40.24 19.16 6.57
N TRP C 190 40.11 18.42 7.68
CA TRP C 190 40.12 19.03 9.00
C TRP C 190 41.46 19.67 9.29
N LYS C 191 42.55 18.98 8.96
CA LYS C 191 43.90 19.44 9.23
C LYS C 191 44.42 20.41 8.19
N SER C 192 43.69 20.64 7.11
CA SER C 192 44.23 21.45 6.03
C SER C 192 43.65 22.85 5.99
N HIS C 193 42.73 23.18 6.90
CA HIS C 193 42.21 24.53 7.05
C HIS C 193 42.66 25.07 8.40
N ARG C 194 42.72 26.39 8.54
CA ARG C 194 43.21 26.92 9.81
C ARG C 194 42.10 27.03 10.86
N SER C 195 40.84 27.19 10.45
CA SER C 195 39.75 27.09 11.42
C SER C 195 38.44 26.73 10.71
N TYR C 196 37.51 26.17 11.49
CA TYR C 196 36.10 26.08 11.10
C TYR C 196 35.26 26.86 12.11
N SER C 197 34.00 27.11 11.76
CA SER C 197 33.13 27.91 12.62
C SER C 197 31.68 27.48 12.47
N CYS C 198 31.00 27.43 13.60
CA CYS C 198 29.54 27.31 13.65
C CYS C 198 28.96 28.68 13.97
N GLN C 199 28.01 29.13 13.15
CA GLN C 199 27.48 30.49 13.24
C GLN C 199 25.95 30.45 13.29
N VAL C 200 25.40 30.49 14.51
CA VAL C 200 23.97 30.33 14.75
C VAL C 200 23.33 31.71 14.82
N THR C 201 22.27 31.90 14.05
CA THR C 201 21.56 33.18 14.00
C THR C 201 20.18 32.98 14.60
N HIS C 202 19.86 33.71 15.67
CA HIS C 202 18.68 33.38 16.45
C HIS C 202 17.47 34.28 16.19
N GLU C 203 17.57 35.58 16.48
CA GLU C 203 16.43 36.48 16.19
C GLU C 203 16.98 37.79 15.66
N GLY C 204 17.75 37.69 14.59
CA GLY C 204 18.52 38.78 14.08
C GLY C 204 19.95 38.78 14.53
N SER C 205 20.29 37.96 15.54
CA SER C 205 21.55 38.06 16.25
C SER C 205 22.30 36.74 16.13
N THR C 206 23.52 36.81 15.60
CA THR C 206 24.29 35.61 15.31
C THR C 206 25.33 35.40 16.41
N VAL C 207 25.39 34.19 16.93
CA VAL C 207 26.45 33.78 17.83
C VAL C 207 27.38 32.86 17.06
N GLU C 208 28.67 33.14 17.11
CA GLU C 208 29.68 32.42 16.36
C GLU C 208 30.64 31.72 17.31
N LYS C 209 31.14 30.56 16.89
CA LYS C 209 32.11 29.81 17.67
C LYS C 209 33.08 29.15 16.70
N THR C 210 34.35 29.06 17.09
CA THR C 210 35.40 28.63 16.17
C THR C 210 36.36 27.66 16.83
N VAL C 211 36.77 26.62 16.09
CA VAL C 211 37.79 25.68 16.53
C VAL C 211 38.84 25.53 15.43
N ALA C 212 39.93 24.84 15.78
CA ALA C 212 41.08 24.67 14.89
C ALA C 212 41.81 23.40 15.30
N PRO C 213 42.59 22.80 14.37
CA PRO C 213 43.40 21.60 14.65
C PRO C 213 44.43 21.78 15.77
N THR D 15 -44.68 -41.99 -12.84
CA THR D 15 -44.12 -42.72 -11.71
C THR D 15 -42.72 -43.29 -12.02
N ASN D 16 -42.19 -43.00 -13.20
CA ASN D 16 -40.87 -43.47 -13.60
C ASN D 16 -39.79 -42.57 -12.97
N LEU D 17 -38.65 -43.18 -12.63
CA LEU D 17 -37.60 -42.47 -11.93
C LEU D 17 -36.82 -41.55 -12.89
N CYS D 18 -36.29 -40.47 -12.32
CA CYS D 18 -35.63 -39.41 -13.10
C CYS D 18 -34.32 -39.92 -13.70
N PRO D 19 -34.13 -39.81 -15.04
CA PRO D 19 -32.90 -40.37 -15.64
C PRO D 19 -31.63 -39.57 -15.36
N PHE D 20 -31.30 -39.35 -14.08
CA PHE D 20 -30.05 -38.67 -13.75
C PHE D 20 -28.83 -39.48 -14.17
N GLY D 21 -29.00 -40.77 -14.46
CA GLY D 21 -27.87 -41.58 -14.86
C GLY D 21 -27.23 -41.10 -16.15
N GLU D 22 -28.04 -40.87 -17.17
CA GLU D 22 -27.49 -40.69 -18.52
C GLU D 22 -26.88 -39.31 -18.74
N VAL D 23 -26.84 -38.47 -17.72
CA VAL D 23 -26.14 -37.19 -17.80
C VAL D 23 -24.96 -37.14 -16.82
N PHE D 24 -25.11 -37.75 -15.64
CA PHE D 24 -23.99 -37.89 -14.72
C PHE D 24 -23.00 -38.95 -15.22
N ASN D 25 -23.48 -40.17 -15.44
CA ASN D 25 -22.65 -41.27 -15.91
C ASN D 25 -22.39 -41.24 -17.40
N ALA D 26 -22.74 -40.16 -18.10
CA ALA D 26 -22.55 -40.09 -19.54
C ALA D 26 -21.07 -40.26 -19.90
N THR D 27 -20.84 -40.83 -21.07
CA THR D 27 -19.47 -41.18 -21.47
C THR D 27 -18.60 -39.96 -21.73
N ARG D 28 -19.23 -38.87 -22.15
CA ARG D 28 -18.43 -37.68 -22.51
C ARG D 28 -19.27 -36.42 -22.29
N PHE D 29 -18.67 -35.39 -21.72
CA PHE D 29 -19.37 -34.13 -21.53
C PHE D 29 -19.04 -33.19 -22.67
N ALA D 30 -19.86 -32.15 -22.80
CA ALA D 30 -19.57 -31.08 -23.73
C ALA D 30 -18.46 -30.17 -23.17
N SER D 31 -17.77 -29.49 -24.08
CA SER D 31 -16.97 -28.33 -23.69
C SER D 31 -17.87 -27.27 -23.06
N VAL D 32 -17.29 -26.48 -22.16
CA VAL D 32 -18.13 -25.58 -21.40
C VAL D 32 -18.80 -24.54 -22.30
N TYR D 33 -18.13 -24.13 -23.39
CA TYR D 33 -18.70 -23.07 -24.21
C TYR D 33 -19.95 -23.54 -24.94
N ALA D 34 -20.12 -24.86 -25.07
CA ALA D 34 -21.24 -25.50 -25.71
C ALA D 34 -21.91 -26.47 -24.74
N TRP D 35 -22.17 -26.02 -23.52
CA TRP D 35 -22.72 -26.88 -22.48
C TRP D 35 -24.04 -27.49 -22.93
N ASN D 36 -24.23 -28.77 -22.61
CA ASN D 36 -25.47 -29.41 -23.00
C ASN D 36 -26.49 -29.29 -21.88
N ARG D 37 -27.77 -29.25 -22.26
CA ARG D 37 -28.87 -29.09 -21.32
C ARG D 37 -29.89 -30.19 -21.55
N LYS D 38 -30.06 -31.05 -20.56
CA LYS D 38 -31.09 -32.09 -20.59
C LYS D 38 -32.28 -31.63 -19.75
N ARG D 39 -33.46 -31.57 -20.37
CA ARG D 39 -34.70 -31.33 -19.65
C ARG D 39 -35.16 -32.61 -18.98
N ILE D 40 -35.66 -32.49 -17.75
CA ILE D 40 -36.10 -33.62 -16.94
C ILE D 40 -37.51 -33.32 -16.47
N SER D 41 -38.44 -34.24 -16.73
CA SER D 41 -39.85 -33.99 -16.49
C SER D 41 -40.56 -35.28 -16.11
N ASN D 42 -41.72 -35.11 -15.48
CA ASN D 42 -42.64 -36.20 -15.15
C ASN D 42 -41.91 -37.41 -14.59
N CYS D 43 -41.18 -37.19 -13.50
CA CYS D 43 -40.44 -38.27 -12.90
C CYS D 43 -40.40 -38.04 -11.39
N VAL D 44 -39.74 -38.97 -10.72
CA VAL D 44 -39.60 -38.93 -9.28
C VAL D 44 -38.12 -38.81 -8.96
N ALA D 45 -37.75 -37.72 -8.29
CA ALA D 45 -36.35 -37.44 -7.97
C ALA D 45 -36.03 -37.88 -6.55
N ASP D 46 -34.82 -38.38 -6.37
CA ASP D 46 -34.29 -38.65 -5.03
C ASP D 46 -33.04 -37.78 -4.87
N TYR D 47 -33.17 -36.67 -4.17
CA TYR D 47 -32.06 -35.74 -4.06
C TYR D 47 -31.06 -36.20 -3.00
N SER D 48 -31.04 -37.49 -2.70
CA SER D 48 -29.97 -38.04 -1.90
C SER D 48 -29.34 -39.28 -2.51
N VAL D 49 -30.08 -40.04 -3.33
CA VAL D 49 -29.42 -41.03 -4.17
C VAL D 49 -28.26 -40.39 -4.90
N LEU D 50 -28.40 -39.11 -5.22
CA LEU D 50 -27.37 -38.40 -5.96
C LEU D 50 -26.32 -37.82 -5.03
N TYR D 51 -26.78 -37.22 -3.95
CA TYR D 51 -25.86 -36.66 -3.00
C TYR D 51 -24.98 -37.77 -2.57
N ASN D 52 -25.59 -38.88 -2.20
CA ASN D 52 -24.81 -40.01 -1.78
C ASN D 52 -24.49 -41.03 -2.85
N SER D 53 -24.21 -40.53 -4.04
CA SER D 53 -23.69 -41.32 -5.14
C SER D 53 -22.14 -41.29 -5.11
N ALA D 54 -21.57 -40.54 -4.16
CA ALA D 54 -20.17 -40.41 -3.82
C ALA D 54 -19.26 -39.79 -4.78
N SER D 55 -18.08 -39.55 -4.24
CA SER D 55 -16.94 -38.97 -4.93
C SER D 55 -17.14 -37.56 -5.46
N PHE D 56 -18.06 -36.80 -4.90
CA PHE D 56 -18.33 -35.48 -5.37
C PHE D 56 -17.49 -34.45 -4.67
N SER D 57 -16.62 -33.81 -5.41
CA SER D 57 -15.78 -32.75 -4.86
C SER D 57 -16.56 -31.46 -4.59
N THR D 58 -17.75 -31.32 -5.15
CA THR D 58 -18.58 -30.15 -4.90
C THR D 58 -20.03 -30.57 -4.97
N PHE D 59 -20.82 -30.13 -3.99
CA PHE D 59 -22.26 -30.30 -4.01
C PHE D 59 -22.84 -29.14 -3.21
N LYS D 60 -22.96 -27.99 -3.88
CA LYS D 60 -23.54 -26.79 -3.28
C LYS D 60 -24.93 -26.54 -3.84
N CYS D 61 -25.87 -26.25 -2.95
CA CYS D 61 -27.24 -25.92 -3.33
C CYS D 61 -27.60 -24.52 -2.83
N TYR D 62 -27.97 -23.66 -3.75
CA TYR D 62 -28.19 -22.25 -3.45
C TYR D 62 -29.66 -21.93 -3.22
N GLY D 63 -30.51 -22.94 -3.04
CA GLY D 63 -31.91 -22.72 -2.76
C GLY D 63 -32.34 -23.49 -1.53
N VAL D 64 -33.30 -24.42 -1.68
CA VAL D 64 -33.67 -25.26 -0.55
C VAL D 64 -32.43 -26.06 -0.10
N SER D 65 -32.44 -26.47 1.16
CA SER D 65 -31.45 -27.45 1.62
C SER D 65 -31.40 -28.60 0.66
N PRO D 66 -30.23 -29.23 0.46
CA PRO D 66 -30.17 -30.46 -0.32
C PRO D 66 -31.03 -31.60 0.26
N THR D 67 -31.28 -31.60 1.57
CA THR D 67 -32.03 -32.69 2.20
C THR D 67 -33.53 -32.49 2.07
N LYS D 68 -34.02 -31.31 2.48
CA LYS D 68 -35.43 -30.90 2.40
C LYS D 68 -35.88 -30.86 0.95
N LEU D 69 -34.93 -31.03 0.04
CA LEU D 69 -35.24 -30.96 -1.39
C LEU D 69 -36.19 -32.08 -1.81
N ASN D 70 -36.03 -33.27 -1.23
CA ASN D 70 -36.87 -34.40 -1.61
C ASN D 70 -38.32 -34.19 -1.20
N ASP D 71 -38.56 -33.55 -0.05
CA ASP D 71 -39.92 -33.23 0.42
C ASP D 71 -40.57 -32.09 -0.40
N LEU D 72 -40.30 -32.02 -1.72
CA LEU D 72 -40.67 -30.87 -2.55
C LEU D 72 -40.95 -31.31 -4.00
N CYS D 73 -41.50 -30.38 -4.80
CA CYS D 73 -41.98 -30.66 -6.15
C CYS D 73 -41.66 -29.50 -7.10
N PHE D 74 -41.52 -29.82 -8.39
CA PHE D 74 -41.19 -28.79 -9.39
C PHE D 74 -41.88 -29.09 -10.71
N THR D 75 -42.00 -28.04 -11.52
CA THR D 75 -42.54 -28.19 -12.87
C THR D 75 -41.57 -28.92 -13.79
N ASN D 76 -40.29 -28.52 -13.78
CA ASN D 76 -39.26 -29.21 -14.55
C ASN D 76 -37.91 -29.03 -13.86
N VAL D 77 -37.00 -29.95 -14.17
CA VAL D 77 -35.62 -29.89 -13.70
C VAL D 77 -34.71 -29.85 -14.92
N TYR D 78 -33.89 -28.81 -15.01
CA TYR D 78 -32.89 -28.72 -16.06
C TYR D 78 -31.54 -29.17 -15.52
N ALA D 79 -30.78 -29.84 -16.38
CA ALA D 79 -29.50 -30.44 -15.97
C ALA D 79 -28.46 -30.09 -17.04
N ASP D 80 -27.70 -29.02 -16.78
CA ASP D 80 -26.60 -28.64 -17.65
C ASP D 80 -25.32 -29.35 -17.21
N SER D 81 -24.45 -29.61 -18.18
CA SER D 81 -23.25 -30.41 -17.96
C SER D 81 -22.16 -29.93 -18.90
N PHE D 82 -20.94 -29.90 -18.40
CA PHE D 82 -19.81 -29.42 -19.18
C PHE D 82 -18.55 -29.79 -18.42
N VAL D 83 -17.40 -29.44 -19.00
CA VAL D 83 -16.10 -29.67 -18.39
C VAL D 83 -15.39 -28.34 -18.25
N ILE D 84 -14.73 -28.13 -17.10
CA ILE D 84 -13.90 -26.98 -16.84
C ILE D 84 -12.68 -27.44 -16.04
N ARG D 85 -11.80 -26.49 -15.71
CA ARG D 85 -10.70 -26.77 -14.79
C ARG D 85 -11.20 -26.82 -13.35
N GLY D 86 -10.39 -27.40 -12.49
CA GLY D 86 -10.60 -27.29 -11.07
C GLY D 86 -10.74 -25.84 -10.62
N ASP D 87 -9.71 -25.03 -10.85
CA ASP D 87 -9.69 -23.66 -10.33
C ASP D 87 -10.83 -22.83 -10.88
N GLU D 88 -11.62 -23.35 -11.82
CA GLU D 88 -12.73 -22.60 -12.36
C GLU D 88 -14.07 -23.00 -11.77
N VAL D 89 -14.12 -24.13 -11.05
CA VAL D 89 -15.38 -24.52 -10.43
C VAL D 89 -15.91 -23.43 -9.52
N ARG D 90 -15.02 -22.68 -8.87
CA ARG D 90 -15.46 -21.57 -8.02
C ARG D 90 -16.30 -20.56 -8.81
N GLN D 91 -16.17 -20.53 -10.14
CA GLN D 91 -16.92 -19.57 -10.95
C GLN D 91 -18.31 -20.06 -11.34
N ILE D 92 -18.65 -21.33 -11.11
CA ILE D 92 -20.01 -21.80 -11.38
C ILE D 92 -20.80 -21.58 -10.12
N ALA D 93 -21.24 -20.33 -9.93
CA ALA D 93 -21.89 -19.85 -8.72
C ALA D 93 -22.55 -18.51 -9.04
N PRO D 94 -23.52 -18.07 -8.23
CA PRO D 94 -24.11 -16.75 -8.46
C PRO D 94 -23.15 -15.62 -8.12
N GLY D 95 -23.18 -14.58 -8.95
CA GLY D 95 -22.39 -13.38 -8.67
C GLY D 95 -20.89 -13.49 -8.87
N GLN D 96 -20.41 -14.52 -9.57
CA GLN D 96 -19.01 -14.60 -9.94
C GLN D 96 -18.74 -13.95 -11.31
N THR D 97 -17.49 -13.57 -11.50
CA THR D 97 -16.94 -13.11 -12.78
C THR D 97 -15.72 -13.97 -13.08
N GLY D 98 -15.19 -13.82 -14.28
CA GLY D 98 -14.09 -14.67 -14.71
C GLY D 98 -14.35 -15.21 -16.10
N LYS D 99 -13.29 -15.67 -16.78
CA LYS D 99 -13.41 -16.07 -18.18
C LYS D 99 -14.46 -17.15 -18.38
N ILE D 100 -14.66 -18.03 -17.39
CA ILE D 100 -15.75 -18.99 -17.47
C ILE D 100 -17.10 -18.28 -17.34
N ALA D 101 -17.35 -17.70 -16.17
CA ALA D 101 -18.68 -17.11 -15.92
C ALA D 101 -19.03 -16.02 -16.93
N ASP D 102 -18.05 -15.22 -17.36
CA ASP D 102 -18.30 -14.10 -18.26
C ASP D 102 -18.55 -14.56 -19.70
N TYR D 103 -17.81 -15.57 -20.18
CA TYR D 103 -17.82 -15.88 -21.61
C TYR D 103 -18.22 -17.31 -21.97
N ASN D 104 -18.57 -18.15 -20.99
CA ASN D 104 -18.84 -19.56 -21.25
C ASN D 104 -20.15 -20.06 -20.65
N TYR D 105 -20.35 -19.86 -19.34
CA TYR D 105 -21.55 -20.35 -18.67
C TYR D 105 -21.80 -19.52 -17.42
N LYS D 106 -22.96 -18.86 -17.36
CA LYS D 106 -23.26 -17.86 -16.33
C LYS D 106 -24.51 -18.24 -15.55
N LEU D 107 -24.38 -18.31 -14.23
CA LEU D 107 -25.52 -18.47 -13.34
C LEU D 107 -26.04 -17.11 -12.90
N PRO D 108 -27.37 -16.94 -12.88
CA PRO D 108 -27.95 -15.67 -12.42
C PRO D 108 -27.70 -15.43 -10.94
N ASP D 109 -27.85 -14.16 -10.55
CA ASP D 109 -27.64 -13.79 -9.16
C ASP D 109 -28.64 -14.45 -8.23
N ASP D 110 -29.88 -14.64 -8.69
CA ASP D 110 -30.97 -15.23 -7.92
C ASP D 110 -31.04 -16.75 -8.06
N PHE D 111 -29.98 -17.40 -8.54
CA PHE D 111 -30.02 -18.83 -8.85
C PHE D 111 -30.39 -19.69 -7.64
N THR D 112 -31.28 -20.68 -7.89
CA THR D 112 -31.91 -21.49 -6.84
C THR D 112 -31.41 -22.93 -6.77
N GLY D 113 -30.91 -23.48 -7.88
CA GLY D 113 -30.58 -24.89 -7.96
C GLY D 113 -29.27 -25.32 -7.31
N CYS D 114 -28.67 -26.35 -7.89
CA CYS D 114 -27.50 -27.01 -7.29
C CYS D 114 -26.42 -27.19 -8.34
N VAL D 115 -25.17 -27.15 -7.85
CA VAL D 115 -23.97 -27.20 -8.66
C VAL D 115 -23.14 -28.37 -8.17
N ILE D 116 -22.99 -29.40 -9.00
CA ILE D 116 -22.29 -30.62 -8.62
C ILE D 116 -21.06 -30.79 -9.52
N ALA D 117 -19.95 -31.21 -8.94
CA ALA D 117 -18.72 -31.37 -9.70
C ALA D 117 -17.88 -32.47 -9.06
N TRP D 118 -17.02 -33.04 -9.89
CA TRP D 118 -16.11 -34.10 -9.47
C TRP D 118 -14.91 -34.09 -10.39
N ASN D 119 -13.79 -34.60 -9.88
CA ASN D 119 -12.55 -34.66 -10.66
C ASN D 119 -12.62 -35.79 -11.67
N SER D 120 -12.33 -35.47 -12.94
CA SER D 120 -12.37 -36.41 -14.05
C SER D 120 -11.05 -36.47 -14.80
N ASN D 121 -9.94 -36.20 -14.08
CA ASN D 121 -8.61 -36.35 -14.67
C ASN D 121 -8.42 -37.71 -15.31
N ASN D 122 -8.86 -38.76 -14.60
CA ASN D 122 -8.75 -40.14 -15.09
C ASN D 122 -9.38 -40.33 -16.47
N LEU D 123 -10.43 -39.57 -16.79
CA LEU D 123 -11.20 -39.73 -18.01
C LEU D 123 -10.81 -38.75 -19.11
N ASP D 124 -10.74 -37.46 -18.80
CA ASP D 124 -10.69 -36.42 -19.81
C ASP D 124 -9.29 -35.83 -20.00
N SER D 125 -8.30 -36.31 -19.26
CA SER D 125 -6.92 -35.94 -19.49
C SER D 125 -6.21 -37.03 -20.29
N LYS D 126 -5.60 -36.63 -21.37
CA LYS D 126 -4.86 -37.54 -22.22
C LYS D 126 -3.41 -37.12 -22.23
N VAL D 127 -2.53 -38.10 -22.16
CA VAL D 127 -1.12 -37.85 -22.00
C VAL D 127 -0.45 -36.75 -22.77
N GLY D 128 -0.75 -36.55 -24.02
CA GLY D 128 -0.10 -35.47 -24.74
C GLY D 128 -0.79 -34.14 -24.61
N GLY D 129 -1.94 -34.15 -23.97
CA GLY D 129 -2.80 -33.01 -23.81
C GLY D 129 -4.09 -33.39 -24.50
N ASN D 130 -5.22 -33.34 -23.82
CA ASN D 130 -6.47 -33.67 -24.45
C ASN D 130 -7.05 -32.38 -24.89
N TYR D 131 -7.00 -32.12 -26.18
CA TYR D 131 -7.51 -30.85 -26.70
C TYR D 131 -8.94 -30.91 -27.18
N ASN D 132 -9.78 -31.77 -26.60
CA ASN D 132 -11.15 -31.77 -27.08
C ASN D 132 -12.02 -30.84 -26.32
N TYR D 133 -11.52 -30.44 -25.18
CA TYR D 133 -12.24 -29.60 -24.26
C TYR D 133 -11.70 -28.20 -24.44
N LEU D 134 -12.57 -27.32 -24.92
CA LEU D 134 -12.25 -25.94 -25.17
C LEU D 134 -13.04 -25.04 -24.23
N TYR D 135 -12.70 -23.77 -24.29
CA TYR D 135 -13.41 -22.69 -23.65
C TYR D 135 -13.36 -21.50 -24.59
N ARG D 136 -14.33 -20.60 -24.43
CA ARG D 136 -14.23 -19.31 -25.09
C ARG D 136 -13.30 -18.39 -24.30
N LEU D 137 -12.40 -17.73 -25.02
CA LEU D 137 -11.42 -16.85 -24.43
C LEU D 137 -11.62 -15.40 -24.84
N PHE D 138 -12.24 -15.15 -26.00
CA PHE D 138 -12.56 -13.80 -26.43
C PHE D 138 -14.07 -13.64 -26.58
N ARG D 139 -14.53 -12.40 -26.40
CA ARG D 139 -15.93 -12.02 -26.51
C ARG D 139 -16.08 -10.56 -26.12
N LYS D 140 -16.76 -9.74 -26.95
CA LYS D 140 -16.77 -8.32 -26.65
C LYS D 140 -17.71 -7.96 -25.49
N SER D 141 -18.52 -8.90 -25.03
CA SER D 141 -19.42 -8.64 -23.92
C SER D 141 -19.73 -9.96 -23.22
N ASN D 142 -20.40 -9.86 -22.07
CA ASN D 142 -20.62 -11.02 -21.20
C ASN D 142 -21.93 -11.73 -21.53
N LEU D 143 -22.00 -12.98 -21.09
CA LEU D 143 -23.21 -13.75 -21.23
C LEU D 143 -24.23 -13.33 -20.18
N LYS D 144 -25.48 -13.13 -20.59
CA LYS D 144 -26.60 -13.11 -19.66
C LYS D 144 -26.78 -14.52 -19.08
N PRO D 145 -27.47 -14.66 -17.96
CA PRO D 145 -27.57 -15.99 -17.34
C PRO D 145 -28.14 -17.01 -18.30
N PHE D 146 -27.53 -18.20 -18.30
CA PHE D 146 -28.01 -19.38 -19.01
C PHE D 146 -27.90 -19.26 -20.52
N GLU D 147 -27.19 -18.27 -21.02
CA GLU D 147 -27.00 -18.06 -22.45
C GLU D 147 -25.84 -18.90 -22.99
N ARG D 148 -26.08 -19.56 -24.13
CA ARG D 148 -25.03 -20.35 -24.79
C ARG D 148 -24.54 -19.61 -26.02
N ASP D 149 -23.24 -19.64 -26.26
CA ASP D 149 -22.63 -19.02 -27.44
C ASP D 149 -21.63 -20.02 -28.02
N ILE D 150 -21.95 -20.57 -29.18
CA ILE D 150 -21.11 -21.56 -29.83
C ILE D 150 -20.51 -21.01 -31.13
N SER D 151 -20.46 -19.70 -31.30
CA SER D 151 -19.96 -19.17 -32.55
C SER D 151 -18.45 -19.35 -32.63
N THR D 152 -17.91 -19.22 -33.85
CA THR D 152 -16.50 -19.46 -34.09
C THR D 152 -15.94 -18.40 -35.03
N GLU D 153 -16.55 -17.23 -35.04
CA GLU D 153 -16.02 -16.12 -35.84
C GLU D 153 -14.70 -15.63 -35.27
N ILE D 154 -13.81 -15.16 -36.15
CA ILE D 154 -12.50 -14.69 -35.72
C ILE D 154 -12.64 -13.35 -35.00
N TYR D 155 -12.07 -13.29 -33.80
CA TYR D 155 -12.23 -12.12 -32.94
C TYR D 155 -11.29 -11.01 -33.40
N GLN D 156 -11.87 -9.87 -33.78
CA GLN D 156 -11.08 -8.74 -34.24
C GLN D 156 -10.62 -7.93 -33.04
N ALA D 157 -9.33 -8.00 -32.73
CA ALA D 157 -8.76 -7.20 -31.66
C ALA D 157 -8.09 -5.94 -32.17
N GLY D 158 -7.92 -5.80 -33.47
CA GLY D 158 -7.19 -4.66 -33.98
C GLY D 158 -7.98 -3.78 -34.93
N SER D 159 -7.27 -2.89 -35.61
CA SER D 159 -7.90 -1.94 -36.51
C SER D 159 -8.34 -2.57 -37.81
N THR D 160 -7.59 -3.58 -38.31
CA THR D 160 -7.81 -4.10 -39.65
C THR D 160 -8.72 -5.34 -39.62
N PRO D 161 -9.87 -5.30 -40.29
CA PRO D 161 -10.77 -6.48 -40.33
C PRO D 161 -10.05 -7.77 -40.68
N CYS D 162 -10.51 -8.86 -40.09
CA CYS D 162 -9.82 -10.14 -40.19
C CYS D 162 -10.20 -10.93 -41.44
N ASN D 163 -11.41 -10.74 -41.96
CA ASN D 163 -11.89 -11.49 -43.13
C ASN D 163 -11.75 -13.00 -42.90
N GLY D 164 -12.08 -13.44 -41.70
CA GLY D 164 -12.10 -14.85 -41.38
C GLY D 164 -10.76 -15.56 -41.38
N VAL D 165 -9.65 -14.86 -41.24
CA VAL D 165 -8.34 -15.52 -41.16
C VAL D 165 -7.64 -15.14 -39.85
N GLU D 166 -7.04 -16.14 -39.20
CA GLU D 166 -6.27 -15.91 -37.98
C GLU D 166 -4.91 -15.31 -38.32
N GLY D 167 -4.57 -14.24 -37.65
CA GLY D 167 -3.24 -13.67 -37.74
C GLY D 167 -3.00 -12.88 -36.47
N PHE D 168 -2.27 -11.79 -36.62
CA PHE D 168 -2.09 -10.85 -35.52
C PHE D 168 -3.35 -10.02 -35.38
N ASN D 169 -3.71 -9.71 -34.14
CA ASN D 169 -4.95 -8.96 -33.87
C ASN D 169 -6.20 -9.62 -34.41
N CYS D 170 -6.10 -10.89 -34.83
CA CYS D 170 -7.22 -11.68 -35.36
C CYS D 170 -7.14 -13.05 -34.72
N TYR D 171 -7.93 -13.26 -33.67
CA TYR D 171 -7.74 -14.41 -32.79
C TYR D 171 -8.97 -15.31 -32.84
N PHE D 172 -8.74 -16.60 -33.04
CA PHE D 172 -9.82 -17.56 -32.98
C PHE D 172 -10.41 -17.57 -31.57
N PRO D 173 -11.73 -17.41 -31.41
CA PRO D 173 -12.26 -17.10 -30.08
C PRO D 173 -12.12 -18.24 -29.07
N LEU D 174 -11.99 -19.48 -29.51
CA LEU D 174 -11.95 -20.59 -28.57
C LEU D 174 -10.52 -21.06 -28.38
N GLN D 175 -10.26 -21.66 -27.24
CA GLN D 175 -8.96 -22.23 -26.92
C GLN D 175 -9.16 -23.51 -26.14
N SER D 176 -8.28 -24.45 -26.39
CA SER D 176 -8.34 -25.75 -25.75
C SER D 176 -7.65 -25.73 -24.40
N TYR D 177 -8.28 -26.33 -23.39
CA TYR D 177 -7.55 -26.78 -22.22
C TYR D 177 -6.61 -27.88 -22.64
N GLY D 178 -5.34 -27.77 -22.27
CA GLY D 178 -4.43 -28.84 -22.63
C GLY D 178 -4.39 -29.93 -21.59
N PHE D 179 -5.56 -30.50 -21.26
CA PHE D 179 -5.67 -31.37 -20.09
C PHE D 179 -4.69 -32.55 -20.14
N GLN D 180 -3.67 -32.51 -19.29
CA GLN D 180 -2.69 -33.56 -19.07
C GLN D 180 -2.86 -34.15 -17.68
N PRO D 181 -2.71 -35.48 -17.52
CA PRO D 181 -2.87 -36.06 -16.18
C PRO D 181 -1.82 -35.58 -15.18
N THR D 182 -0.74 -34.96 -15.63
CA THR D 182 0.30 -34.41 -14.74
C THR D 182 0.12 -32.92 -14.51
N ASN D 183 -1.08 -32.50 -14.17
CA ASN D 183 -1.33 -31.11 -13.82
C ASN D 183 -1.72 -31.02 -12.36
N GLY D 184 -1.40 -29.90 -11.75
CA GLY D 184 -2.04 -29.54 -10.48
C GLY D 184 -3.54 -29.59 -10.61
N VAL D 185 -4.20 -29.85 -9.48
CA VAL D 185 -5.64 -30.00 -9.48
C VAL D 185 -6.33 -28.77 -10.06
N GLY D 186 -5.76 -27.58 -9.83
CA GLY D 186 -6.33 -26.36 -10.35
C GLY D 186 -6.47 -26.34 -11.86
N TYR D 187 -5.60 -27.05 -12.58
CA TYR D 187 -5.70 -27.15 -14.04
C TYR D 187 -6.02 -28.58 -14.48
N GLN D 188 -6.62 -29.40 -13.58
CA GLN D 188 -7.19 -30.70 -13.91
C GLN D 188 -8.64 -30.55 -14.32
N PRO D 189 -9.13 -31.47 -15.16
CA PRO D 189 -10.52 -31.39 -15.63
C PRO D 189 -11.52 -31.85 -14.58
N TYR D 190 -12.60 -31.07 -14.46
CA TYR D 190 -13.73 -31.40 -13.62
C TYR D 190 -14.98 -31.43 -14.48
N ARG D 191 -15.82 -32.44 -14.25
CA ARG D 191 -17.12 -32.51 -14.90
C ARG D 191 -18.14 -31.85 -13.97
N VAL D 192 -18.95 -30.95 -14.53
CA VAL D 192 -19.89 -30.16 -13.77
C VAL D 192 -21.30 -30.56 -14.20
N VAL D 193 -22.25 -30.54 -13.24
CA VAL D 193 -23.67 -30.69 -13.52
C VAL D 193 -24.45 -29.64 -12.73
N VAL D 194 -25.20 -28.80 -13.43
CA VAL D 194 -26.01 -27.75 -12.83
C VAL D 194 -27.48 -28.15 -12.95
N LEU D 195 -28.18 -28.21 -11.82
CA LEU D 195 -29.61 -28.48 -11.78
C LEU D 195 -30.36 -27.19 -11.48
N SER D 196 -31.13 -26.71 -12.43
CA SER D 196 -32.05 -25.61 -12.16
C SER D 196 -33.43 -26.19 -11.92
N PHE D 197 -34.10 -25.70 -10.89
CA PHE D 197 -35.42 -26.19 -10.52
C PHE D 197 -36.43 -25.09 -10.84
N GLU D 198 -37.20 -25.28 -11.91
CA GLU D 198 -38.06 -24.23 -12.42
C GLU D 198 -39.48 -24.44 -11.94
N LEU D 199 -40.15 -23.33 -11.64
CA LEU D 199 -41.53 -23.31 -11.16
C LEU D 199 -42.31 -22.36 -12.07
N LEU D 200 -43.08 -22.94 -12.98
CA LEU D 200 -44.04 -22.21 -13.78
C LEU D 200 -45.42 -22.44 -13.19
N HIS D 201 -46.36 -21.55 -13.50
CA HIS D 201 -47.73 -21.76 -13.02
C HIS D 201 -48.39 -22.84 -13.88
N ALA D 202 -47.97 -24.07 -13.61
CA ALA D 202 -48.40 -25.24 -14.35
C ALA D 202 -48.18 -26.45 -13.46
N PRO D 203 -48.89 -27.55 -13.71
CA PRO D 203 -48.74 -28.72 -12.84
C PRO D 203 -47.30 -29.19 -12.73
N ALA D 204 -46.89 -29.49 -11.50
CA ALA D 204 -45.55 -30.02 -11.25
C ALA D 204 -45.45 -31.42 -11.83
N THR D 205 -44.25 -31.75 -12.32
CA THR D 205 -44.00 -33.08 -12.86
C THR D 205 -42.77 -33.77 -12.25
N VAL D 206 -41.98 -33.08 -11.42
CA VAL D 206 -40.82 -33.69 -10.76
C VAL D 206 -40.99 -33.56 -9.25
N CYS D 207 -40.93 -34.70 -8.55
CA CYS D 207 -41.16 -34.76 -7.11
C CYS D 207 -40.25 -35.81 -6.49
N GLY D 208 -40.52 -36.18 -5.24
CA GLY D 208 -39.71 -37.17 -4.52
C GLY D 208 -40.45 -38.39 -3.99
N VAL E 2 0.77 -0.10 -34.83
CA VAL E 2 0.26 -0.50 -33.49
C VAL E 2 1.01 0.30 -32.43
N GLN E 3 0.29 0.88 -31.47
CA GLN E 3 0.96 1.74 -30.47
C GLN E 3 0.16 1.96 -29.19
N LEU E 4 0.84 1.99 -28.06
CA LEU E 4 0.29 2.32 -26.76
C LEU E 4 1.09 3.48 -26.19
N VAL E 5 0.47 4.66 -26.08
CA VAL E 5 1.15 5.84 -25.56
C VAL E 5 0.40 6.31 -24.33
N GLU E 6 1.00 6.15 -23.16
CA GLU E 6 0.30 6.61 -21.97
C GLU E 6 0.79 7.99 -21.60
N SER E 7 0.08 8.60 -20.67
CA SER E 7 0.26 10.00 -20.34
C SER E 7 -0.60 10.27 -19.12
N GLY E 8 -0.32 11.39 -18.48
CA GLY E 8 -1.02 11.78 -17.28
C GLY E 8 -0.19 11.68 -16.03
N GLY E 9 0.95 10.99 -16.07
CA GLY E 9 1.84 10.96 -14.93
C GLY E 9 2.18 12.36 -14.45
N GLY E 10 2.56 12.43 -13.18
CA GLY E 10 2.98 13.68 -12.60
C GLY E 10 2.97 13.61 -11.08
N LEU E 11 3.36 14.75 -10.49
CA LEU E 11 3.52 14.86 -9.05
C LEU E 11 2.17 15.11 -8.38
N ILE E 12 1.90 14.38 -7.31
CA ILE E 12 0.64 14.55 -6.59
C ILE E 12 0.90 14.43 -5.08
N GLN E 13 0.12 15.15 -4.30
CA GLN E 13 0.29 15.08 -2.86
C GLN E 13 -0.37 13.80 -2.32
N PRO E 14 0.12 13.28 -1.20
CA PRO E 14 -0.48 12.06 -0.62
C PRO E 14 -1.94 12.25 -0.24
N GLY E 15 -2.80 11.35 -0.71
CA GLY E 15 -4.23 11.48 -0.53
C GLY E 15 -4.93 12.13 -1.70
N GLY E 16 -4.21 12.48 -2.75
CA GLY E 16 -4.78 13.09 -3.92
C GLY E 16 -5.30 12.06 -4.93
N SER E 17 -5.64 12.58 -6.11
CA SER E 17 -6.13 11.77 -7.22
C SER E 17 -5.34 12.08 -8.47
N LEU E 18 -5.21 11.05 -9.31
CA LEU E 18 -4.57 11.15 -10.61
C LEU E 18 -5.31 10.22 -11.56
N ARG E 19 -5.41 10.63 -12.81
CA ARG E 19 -6.05 9.82 -13.84
C ARG E 19 -5.04 9.61 -14.96
N LEU E 20 -4.50 8.40 -15.04
CA LEU E 20 -3.65 8.03 -16.15
C LEU E 20 -4.50 7.64 -17.34
N SER E 21 -4.01 7.96 -18.53
CA SER E 21 -4.68 7.64 -19.76
C SER E 21 -3.70 6.96 -20.70
N CYS E 22 -4.20 5.97 -21.44
CA CYS E 22 -3.42 5.22 -22.42
C CYS E 22 -4.13 5.27 -23.77
N ALA E 23 -3.58 6.04 -24.71
CA ALA E 23 -4.21 6.18 -26.02
C ALA E 23 -3.61 5.14 -26.96
N ALA E 24 -4.49 4.37 -27.61
CA ALA E 24 -4.05 3.27 -28.46
C ALA E 24 -4.27 3.59 -29.94
N SER E 25 -3.52 2.89 -30.77
CA SER E 25 -3.71 2.92 -32.21
C SER E 25 -3.43 1.52 -32.73
N GLY E 26 -4.29 1.05 -33.64
CA GLY E 26 -4.19 -0.34 -34.05
C GLY E 26 -5.11 -1.22 -33.23
N PHE E 27 -4.94 -1.28 -31.91
CA PHE E 27 -5.81 -2.07 -31.06
C PHE E 27 -7.12 -1.35 -30.80
N ILE E 28 -8.22 -2.09 -30.87
CA ILE E 28 -9.46 -1.70 -30.22
C ILE E 28 -9.30 -2.01 -28.74
N VAL E 29 -9.19 -0.98 -27.89
CA VAL E 29 -9.03 -1.27 -26.47
C VAL E 29 -10.31 -1.91 -25.93
N SER E 30 -11.46 -1.50 -26.45
CA SER E 30 -12.74 -2.01 -25.96
C SER E 30 -12.92 -3.52 -26.17
N SER E 31 -12.20 -4.13 -27.11
CA SER E 31 -12.28 -5.56 -27.37
C SER E 31 -11.12 -6.36 -26.79
N ASN E 32 -10.10 -5.73 -26.25
CA ASN E 32 -8.97 -6.47 -25.70
C ASN E 32 -9.04 -6.59 -24.16
N TYR E 33 -8.25 -7.53 -23.64
CA TYR E 33 -7.79 -7.45 -22.26
C TYR E 33 -6.72 -6.38 -22.18
N MET E 34 -6.92 -5.40 -21.29
CA MET E 34 -5.97 -4.30 -21.10
C MET E 34 -5.53 -4.27 -19.64
N SER E 35 -4.23 -4.10 -19.41
CA SER E 35 -3.67 -4.19 -18.07
C SER E 35 -2.80 -2.97 -17.81
N TRP E 36 -2.81 -2.51 -16.54
CA TRP E 36 -1.81 -1.60 -16.02
C TRP E 36 -0.82 -2.38 -15.18
N VAL E 37 0.48 -2.09 -15.40
CA VAL E 37 1.59 -2.57 -14.58
C VAL E 37 2.46 -1.37 -14.18
N ARG E 38 3.12 -1.46 -13.02
CA ARG E 38 3.95 -0.35 -12.56
C ARG E 38 5.30 -0.87 -12.04
N GLN E 39 6.24 0.05 -11.88
CA GLN E 39 7.57 -0.31 -11.42
C GLN E 39 8.15 0.85 -10.61
N ALA E 40 8.39 0.62 -9.33
CA ALA E 40 9.00 1.67 -8.51
C ALA E 40 10.41 1.96 -9.00
N PRO E 41 10.91 3.19 -8.83
CA PRO E 41 12.29 3.50 -9.27
C PRO E 41 13.29 2.55 -8.64
N GLY E 42 13.96 1.77 -9.49
CA GLY E 42 14.91 0.78 -9.02
C GLY E 42 14.33 -0.48 -8.41
N LYS E 43 13.06 -0.78 -8.68
CA LYS E 43 12.42 -1.97 -8.10
C LYS E 43 11.82 -2.83 -9.21
N GLY E 44 11.25 -3.96 -8.82
CA GLY E 44 10.70 -4.90 -9.78
C GLY E 44 9.35 -4.47 -10.34
N LEU E 45 8.82 -5.30 -11.25
CA LEU E 45 7.52 -5.04 -11.86
C LEU E 45 6.42 -5.51 -10.92
N GLU E 46 5.35 -4.72 -10.85
CA GLU E 46 4.18 -5.06 -10.04
C GLU E 46 2.92 -4.83 -10.87
N TRP E 47 2.12 -5.86 -11.02
CA TRP E 47 0.87 -5.75 -11.75
C TRP E 47 -0.16 -4.99 -10.93
N VAL E 48 -0.79 -3.98 -11.53
CA VAL E 48 -1.77 -3.13 -10.86
C VAL E 48 -3.17 -3.64 -11.12
N SER E 49 -3.56 -3.71 -12.37
CA SER E 49 -4.97 -3.85 -12.69
C SER E 49 -5.14 -4.50 -14.06
N ILE E 50 -6.33 -5.06 -14.28
CA ILE E 50 -6.66 -5.60 -15.59
C ILE E 50 -8.14 -5.39 -15.86
N ILE E 51 -8.47 -5.15 -17.11
CA ILE E 51 -9.86 -5.11 -17.55
C ILE E 51 -10.00 -6.14 -18.65
N TYR E 52 -11.09 -6.89 -18.62
CA TYR E 52 -11.34 -7.95 -19.59
C TYR E 52 -11.99 -7.37 -20.83
N SER E 53 -11.82 -8.10 -21.95
CA SER E 53 -12.52 -7.77 -23.19
C SER E 53 -13.99 -7.53 -22.94
N GLY E 54 -14.58 -8.27 -21.99
CA GLY E 54 -15.98 -8.15 -21.67
C GLY E 54 -16.37 -7.13 -20.62
N GLY E 55 -15.43 -6.63 -19.81
CA GLY E 55 -15.69 -5.52 -18.90
C GLY E 55 -15.25 -5.77 -17.47
N SER E 56 -15.18 -7.02 -17.06
CA SER E 56 -14.79 -7.36 -15.70
C SER E 56 -13.40 -6.81 -15.39
N THR E 57 -13.23 -6.33 -14.16
CA THR E 57 -11.99 -5.69 -13.73
C THR E 57 -11.48 -6.36 -12.47
N TYR E 58 -10.15 -6.36 -12.32
CA TYR E 58 -9.50 -6.95 -11.17
C TYR E 58 -8.31 -6.09 -10.79
N TYR E 59 -7.94 -6.17 -9.51
CA TYR E 59 -6.98 -5.25 -8.95
C TYR E 59 -6.03 -6.00 -8.02
N ALA E 60 -4.78 -5.56 -8.00
CA ALA E 60 -3.86 -5.96 -6.95
C ALA E 60 -4.39 -5.50 -5.61
N ASP E 61 -4.21 -6.33 -4.57
CA ASP E 61 -4.70 -5.98 -3.24
C ASP E 61 -4.26 -4.59 -2.79
N SER E 62 -2.98 -4.25 -3.04
CA SER E 62 -2.45 -2.91 -2.75
C SER E 62 -3.37 -1.77 -3.12
N VAL E 63 -4.09 -1.88 -4.24
CA VAL E 63 -4.81 -0.75 -4.80
C VAL E 63 -6.31 -1.00 -4.87
N LYS E 64 -6.77 -2.17 -4.43
CA LYS E 64 -8.19 -2.46 -4.40
C LYS E 64 -8.93 -1.34 -3.70
N GLY E 65 -9.94 -0.78 -4.36
CA GLY E 65 -10.78 0.28 -3.83
C GLY E 65 -10.27 1.69 -4.09
N ARG E 66 -8.96 1.86 -4.27
CA ARG E 66 -8.44 3.19 -4.54
C ARG E 66 -8.30 3.44 -6.03
N PHE E 67 -8.01 2.41 -6.81
CA PHE E 67 -7.78 2.54 -8.24
C PHE E 67 -8.96 1.95 -9.01
N THR E 68 -9.23 2.56 -10.15
CA THR E 68 -10.27 2.08 -11.04
C THR E 68 -9.73 2.08 -12.46
N ILE E 69 -9.83 0.94 -13.12
CA ILE E 69 -9.47 0.85 -14.54
C ILE E 69 -10.74 0.96 -15.39
N SER E 70 -10.64 1.63 -16.52
CA SER E 70 -11.79 1.91 -17.36
C SER E 70 -11.30 2.26 -18.76
N ARG E 71 -12.24 2.26 -19.70
CA ARG E 71 -11.95 2.59 -21.09
C ARG E 71 -13.12 3.35 -21.70
N ASP E 72 -12.82 4.11 -22.74
CA ASP E 72 -13.84 4.79 -23.55
C ASP E 72 -13.59 4.45 -25.01
N ASN E 73 -14.52 3.68 -25.61
CA ASN E 73 -14.32 3.19 -26.97
C ASN E 73 -14.21 4.33 -27.98
N SER E 74 -15.04 5.37 -27.81
CA SER E 74 -15.00 6.48 -28.76
C SER E 74 -13.62 7.11 -28.83
N ASN E 75 -12.92 7.19 -27.69
CA ASN E 75 -11.57 7.72 -27.64
C ASN E 75 -10.50 6.64 -27.80
N ASN E 76 -10.89 5.36 -27.80
CA ASN E 76 -9.95 4.24 -27.90
C ASN E 76 -8.79 4.42 -26.91
N THR E 77 -9.15 4.73 -25.67
CA THR E 77 -8.19 5.10 -24.65
C THR E 77 -8.46 4.33 -23.36
N LEU E 78 -7.41 3.73 -22.80
CA LEU E 78 -7.50 3.11 -21.48
C LEU E 78 -7.21 4.16 -20.41
N TYR E 79 -7.96 4.10 -19.32
CA TYR E 79 -7.79 5.04 -18.21
C TYR E 79 -7.47 4.28 -16.93
N LEU E 80 -6.84 4.96 -15.97
CA LEU E 80 -6.66 4.41 -14.61
C LEU E 80 -6.84 5.54 -13.60
N GLN E 81 -8.00 5.56 -12.94
CA GLN E 81 -8.28 6.54 -11.91
C GLN E 81 -7.65 6.08 -10.60
N MET E 82 -6.84 6.93 -10.00
CA MET E 82 -6.11 6.60 -8.79
C MET E 82 -6.54 7.57 -7.70
N ASN E 83 -7.08 7.03 -6.59
CA ASN E 83 -7.57 7.84 -5.49
C ASN E 83 -6.81 7.50 -4.22
N SER E 84 -6.82 8.43 -3.26
CA SER E 84 -6.14 8.25 -1.97
C SER E 84 -4.69 7.81 -2.17
N LEU E 85 -3.97 8.54 -3.01
CA LEU E 85 -2.63 8.11 -3.40
C LEU E 85 -1.71 8.12 -2.19
N ARG E 86 -1.03 7.01 -1.97
CA ARG E 86 0.00 6.89 -0.97
C ARG E 86 1.38 6.95 -1.65
N ALA E 87 2.41 7.23 -0.85
CA ALA E 87 3.75 7.37 -1.42
C ALA E 87 4.25 6.07 -2.06
N GLU E 88 3.74 4.90 -1.62
CA GLU E 88 4.07 3.63 -2.26
C GLU E 88 3.70 3.62 -3.74
N ASP E 89 2.71 4.41 -4.12
CA ASP E 89 2.26 4.34 -5.52
C ASP E 89 3.22 5.01 -6.50
N THR E 90 4.22 5.76 -6.00
CA THR E 90 5.25 6.34 -6.84
C THR E 90 5.88 5.26 -7.71
N ALA E 91 5.81 5.45 -9.03
CA ALA E 91 6.16 4.39 -9.98
C ALA E 91 6.07 4.92 -11.40
N VAL E 92 6.76 4.24 -12.30
CA VAL E 92 6.45 4.32 -13.71
C VAL E 92 5.29 3.39 -13.97
N TYR E 93 4.23 3.90 -14.60
CA TYR E 93 3.02 3.14 -14.85
C TYR E 93 2.95 2.77 -16.32
N TYR E 94 3.05 1.48 -16.59
CA TYR E 94 3.03 0.95 -17.95
C TYR E 94 1.62 0.49 -18.32
N CYS E 95 1.15 0.93 -19.47
CA CYS E 95 -0.04 0.40 -20.10
C CYS E 95 0.38 -0.80 -20.96
N ALA E 96 -0.36 -1.91 -20.85
CA ALA E 96 0.02 -3.13 -21.56
C ALA E 96 -1.21 -3.86 -22.06
N ARG E 97 -1.18 -4.28 -23.34
CA ARG E 97 -2.23 -5.16 -23.81
C ARG E 97 -1.95 -6.59 -23.38
N ALA E 98 -3.01 -7.30 -22.97
CA ALA E 98 -2.88 -8.64 -22.43
C ALA E 98 -3.57 -9.65 -23.35
N LEU E 99 -2.90 -10.77 -23.61
CA LEU E 99 -3.48 -11.93 -24.27
C LEU E 99 -3.24 -13.16 -23.44
N GLN E 100 -3.99 -14.21 -23.74
CA GLN E 100 -3.76 -15.50 -23.11
C GLN E 100 -3.56 -16.56 -24.18
N VAL E 101 -3.39 -16.15 -25.43
CA VAL E 101 -3.60 -17.05 -26.56
C VAL E 101 -2.64 -18.24 -26.48
N GLY E 102 -1.35 -17.99 -26.43
CA GLY E 102 -0.53 -19.18 -26.47
C GLY E 102 -0.37 -19.99 -25.19
N ALA E 103 -1.16 -19.75 -24.14
CA ALA E 103 -0.71 -20.12 -22.80
C ALA E 103 -1.88 -20.36 -21.85
N THR E 104 -1.59 -20.95 -20.69
CA THR E 104 -2.62 -21.13 -19.66
C THR E 104 -2.72 -19.95 -18.70
N SER E 105 -1.92 -18.89 -18.88
CA SER E 105 -2.03 -17.71 -18.04
C SER E 105 -1.76 -16.48 -18.90
N ASP E 106 -2.40 -15.36 -18.52
CA ASP E 106 -2.25 -14.13 -19.29
C ASP E 106 -0.79 -13.69 -19.30
N TYR E 107 -0.43 -12.97 -20.34
CA TYR E 107 0.88 -12.38 -20.53
C TYR E 107 0.69 -11.00 -21.17
N PHE E 108 1.78 -10.28 -21.36
CA PHE E 108 1.67 -8.90 -21.81
C PHE E 108 2.37 -8.73 -23.15
N ASP E 109 1.57 -8.45 -24.16
CA ASP E 109 1.95 -8.53 -25.56
C ASP E 109 2.76 -7.30 -25.97
N TYR E 110 2.19 -6.11 -25.74
CA TYR E 110 2.74 -4.83 -26.11
C TYR E 110 2.73 -3.92 -24.89
N TRP E 111 3.77 -3.10 -24.76
CA TRP E 111 3.84 -2.17 -23.64
C TRP E 111 4.07 -0.76 -24.16
N GLY E 112 3.34 0.19 -23.59
CA GLY E 112 3.72 1.59 -23.72
C GLY E 112 5.04 1.86 -23.03
N GLN E 113 5.61 3.03 -23.33
CA GLN E 113 6.89 3.44 -22.73
C GLN E 113 6.75 3.90 -21.29
N GLY E 114 5.55 4.24 -20.85
CA GLY E 114 5.26 4.42 -19.44
C GLY E 114 5.15 5.88 -19.04
N THR E 115 4.34 6.12 -18.03
CA THR E 115 4.15 7.45 -17.47
C THR E 115 4.52 7.39 -15.98
N LEU E 116 5.07 8.48 -15.46
CA LEU E 116 5.71 8.48 -14.15
C LEU E 116 4.82 9.21 -13.17
N VAL E 117 4.37 8.49 -12.14
CA VAL E 117 3.59 9.07 -11.07
C VAL E 117 4.49 9.22 -9.87
N THR E 118 4.65 10.46 -9.39
CA THR E 118 5.39 10.75 -8.15
C THR E 118 4.43 11.28 -7.08
N VAL E 119 4.28 10.52 -6.01
CA VAL E 119 3.39 10.84 -4.90
C VAL E 119 4.25 11.37 -3.77
N SER E 120 4.39 12.69 -3.69
CA SER E 120 5.23 13.33 -2.67
C SER E 120 4.56 14.58 -2.14
N SER E 121 4.89 14.93 -0.90
CA SER E 121 4.50 16.20 -0.32
C SER E 121 5.42 17.34 -0.73
N ALA E 122 6.60 17.03 -1.27
CA ALA E 122 7.49 18.08 -1.76
C ALA E 122 6.87 18.79 -2.95
N SER E 123 7.36 19.99 -3.22
CA SER E 123 6.78 20.84 -4.24
C SER E 123 7.60 20.78 -5.52
N THR E 124 6.94 21.15 -6.62
CA THR E 124 7.62 21.23 -7.90
C THR E 124 8.73 22.29 -7.87
N LYS E 125 9.89 21.93 -8.39
CA LYS E 125 10.97 22.88 -8.64
C LYS E 125 11.40 22.74 -10.09
N GLY E 126 11.58 23.87 -10.76
CA GLY E 126 12.13 23.91 -12.10
C GLY E 126 13.64 23.86 -12.07
N PRO E 127 14.22 23.65 -13.24
CA PRO E 127 15.67 23.46 -13.33
C PRO E 127 16.43 24.77 -13.50
N SER E 128 17.70 24.72 -13.11
CA SER E 128 18.67 25.73 -13.48
C SER E 128 19.58 25.10 -14.52
N VAL E 129 19.75 25.77 -15.67
CA VAL E 129 20.47 25.22 -16.80
C VAL E 129 21.76 26.01 -16.97
N PHE E 130 22.89 25.38 -16.67
CA PHE E 130 24.13 26.13 -16.80
C PHE E 130 24.98 25.54 -17.93
N PRO E 131 25.77 26.37 -18.61
CA PRO E 131 26.58 25.88 -19.72
C PRO E 131 27.89 25.29 -19.26
N LEU E 132 28.23 24.13 -19.82
CA LEU E 132 29.54 23.53 -19.67
C LEU E 132 30.34 23.94 -20.90
N ALA E 133 31.14 25.01 -20.75
CA ALA E 133 31.79 25.60 -21.92
C ALA E 133 33.07 24.84 -22.25
N PRO E 134 33.34 24.59 -23.53
CA PRO E 134 34.59 23.89 -23.85
C PRO E 134 35.79 24.77 -23.52
N SER E 135 36.88 24.12 -23.11
CA SER E 135 38.00 24.84 -22.53
C SER E 135 39.29 24.42 -23.24
N SER E 136 40.39 25.08 -22.86
CA SER E 136 41.71 24.57 -23.22
C SER E 136 41.98 23.21 -22.60
N LYS E 137 41.17 22.80 -21.63
CA LYS E 137 41.26 21.51 -20.96
C LYS E 137 40.19 20.53 -21.43
N SER E 138 38.96 21.00 -21.64
CA SER E 138 37.86 20.14 -22.09
C SER E 138 38.06 19.61 -23.50
N THR E 139 39.04 20.13 -24.23
CA THR E 139 39.31 19.66 -25.58
C THR E 139 40.07 18.35 -25.55
N SER E 140 39.82 17.52 -26.55
CA SER E 140 40.57 16.28 -26.75
C SER E 140 40.96 16.13 -28.23
N GLY E 141 41.77 17.10 -28.70
CA GLY E 141 42.28 17.07 -30.06
C GLY E 141 41.42 17.87 -31.03
N GLY E 142 41.18 17.31 -32.22
CA GLY E 142 40.34 17.97 -33.20
C GLY E 142 38.90 18.07 -32.78
N THR E 143 38.49 17.27 -31.80
CA THR E 143 37.17 17.38 -31.22
C THR E 143 37.27 18.07 -29.85
N ALA E 144 36.13 18.55 -29.38
CA ALA E 144 36.05 19.19 -28.07
C ALA E 144 34.68 18.90 -27.47
N ALA E 145 34.63 18.87 -26.15
CA ALA E 145 33.41 18.55 -25.43
C ALA E 145 32.78 19.82 -24.88
N LEU E 146 31.48 20.00 -25.16
CA LEU E 146 30.70 21.06 -24.55
C LEU E 146 29.36 20.45 -24.15
N GLY E 147 28.70 21.07 -23.18
CA GLY E 147 27.45 20.51 -22.73
C GLY E 147 26.62 21.48 -21.91
N CYS E 148 25.59 20.92 -21.26
CA CYS E 148 24.66 21.66 -20.41
C CYS E 148 24.47 20.92 -19.10
N LEU E 149 24.52 21.66 -18.00
CA LEU E 149 24.19 21.15 -16.68
C LEU E 149 22.75 21.57 -16.35
N VAL E 150 21.91 20.58 -16.01
CA VAL E 150 20.51 20.79 -15.68
C VAL E 150 20.32 20.37 -14.24
N LYS E 151 20.18 21.36 -13.37
CA LYS E 151 20.54 21.23 -11.96
C LYS E 151 19.35 21.52 -11.06
N ASP E 152 19.14 20.66 -10.07
CA ASP E 152 18.21 20.84 -8.95
C ASP E 152 16.77 21.03 -9.43
N TYR E 153 16.22 19.97 -10.00
CA TYR E 153 14.83 19.99 -10.41
C TYR E 153 14.06 18.86 -9.74
N PHE E 154 12.74 18.98 -9.76
CA PHE E 154 11.83 18.00 -9.19
C PHE E 154 10.43 18.25 -9.73
N PRO E 155 9.69 17.21 -10.15
CA PRO E 155 10.14 15.82 -10.27
C PRO E 155 10.81 15.51 -11.60
N GLU E 156 11.09 14.21 -11.79
CA GLU E 156 11.47 13.71 -13.09
C GLU E 156 10.25 13.78 -14.03
N PRO E 157 10.49 13.86 -15.36
CA PRO E 157 11.77 13.78 -16.05
C PRO E 157 12.19 15.09 -16.70
N VAL E 158 13.36 15.09 -17.32
CA VAL E 158 13.86 16.20 -18.11
C VAL E 158 14.40 15.62 -19.41
N THR E 159 14.02 16.21 -20.54
CA THR E 159 14.54 15.82 -21.84
C THR E 159 15.44 16.93 -22.38
N VAL E 160 16.47 16.54 -23.14
CA VAL E 160 17.47 17.45 -23.65
C VAL E 160 17.68 17.15 -25.12
N SER E 161 17.69 18.20 -25.95
CA SER E 161 18.11 18.08 -27.34
C SER E 161 19.07 19.23 -27.65
N TRP E 162 19.63 19.22 -28.86
CA TRP E 162 20.66 20.19 -29.23
C TRP E 162 20.34 20.83 -30.57
N ASN E 163 20.49 22.15 -30.63
CA ASN E 163 20.12 22.95 -31.81
C ASN E 163 18.79 22.47 -32.40
N SER E 164 17.81 22.28 -31.50
CA SER E 164 16.40 22.07 -31.86
C SER E 164 16.19 20.74 -32.57
N GLY E 165 17.00 19.75 -32.21
CA GLY E 165 16.96 18.44 -32.78
C GLY E 165 17.97 18.19 -33.87
N ALA E 166 18.51 19.25 -34.49
CA ALA E 166 19.39 19.06 -35.64
C ALA E 166 20.72 18.41 -35.24
N LEU E 167 21.25 18.75 -34.06
CA LEU E 167 22.52 18.18 -33.61
C LEU E 167 22.24 16.92 -32.81
N THR E 168 22.83 15.80 -33.25
CA THR E 168 22.48 14.49 -32.70
C THR E 168 23.71 13.60 -32.59
N SER E 169 24.56 13.63 -33.62
CA SER E 169 25.81 12.90 -33.55
C SER E 169 26.66 13.49 -32.44
N GLY E 170 27.26 12.61 -31.63
CA GLY E 170 28.10 13.05 -30.53
C GLY E 170 27.38 13.41 -29.25
N VAL E 171 26.04 13.47 -29.27
CA VAL E 171 25.29 13.85 -28.07
C VAL E 171 25.28 12.68 -27.09
N HIS E 172 25.64 12.96 -25.84
CA HIS E 172 25.56 11.98 -24.77
C HIS E 172 24.87 12.65 -23.59
N THR E 173 23.68 12.17 -23.23
CA THR E 173 22.89 12.74 -22.15
C THR E 173 22.92 11.77 -20.98
N PHE E 174 23.44 12.19 -19.87
CA PHE E 174 23.63 11.17 -18.85
C PHE E 174 22.38 11.04 -17.97
N PRO E 175 22.00 9.81 -17.64
CA PRO E 175 20.96 9.59 -16.63
C PRO E 175 21.15 10.48 -15.42
N ALA E 176 20.03 10.99 -14.90
CA ALA E 176 20.04 11.92 -13.78
C ALA E 176 20.47 11.22 -12.50
N VAL E 177 20.98 12.01 -11.56
CA VAL E 177 21.39 11.56 -10.24
C VAL E 177 20.36 12.08 -9.24
N LEU E 178 19.95 11.23 -8.31
CA LEU E 178 19.01 11.63 -7.25
C LEU E 178 19.85 12.12 -6.08
N GLN E 179 19.92 13.44 -5.94
CA GLN E 179 20.77 14.03 -4.93
C GLN E 179 20.20 13.78 -3.53
N SER E 180 21.05 14.00 -2.53
CA SER E 180 20.63 13.87 -1.15
C SER E 180 19.67 14.98 -0.73
N SER E 181 19.64 16.11 -1.45
CA SER E 181 18.61 17.12 -1.20
C SER E 181 17.23 16.64 -1.63
N GLY E 182 17.16 15.60 -2.45
CA GLY E 182 15.93 15.16 -3.06
C GLY E 182 15.72 15.65 -4.47
N LEU E 183 16.48 16.68 -4.88
CA LEU E 183 16.36 17.23 -6.22
C LEU E 183 17.20 16.42 -7.20
N TYR E 184 16.81 16.47 -8.47
CA TYR E 184 17.58 15.78 -9.50
C TYR E 184 18.53 16.75 -10.20
N SER E 185 19.52 16.15 -10.85
CA SER E 185 20.46 16.84 -11.72
C SER E 185 20.85 15.86 -12.82
N LEU E 186 21.08 16.38 -14.02
CA LEU E 186 21.66 15.60 -15.10
C LEU E 186 22.50 16.52 -15.96
N SER E 187 23.17 15.93 -16.93
CA SER E 187 24.05 16.65 -17.82
C SER E 187 23.91 16.08 -19.21
N SER E 188 24.04 16.94 -20.20
CA SER E 188 24.14 16.50 -21.59
C SER E 188 25.37 17.15 -22.19
N VAL E 189 26.22 16.33 -22.80
CA VAL E 189 27.43 16.80 -23.45
C VAL E 189 27.45 16.27 -24.88
N VAL E 190 28.02 17.05 -25.79
CA VAL E 190 28.13 16.67 -27.18
C VAL E 190 29.52 17.08 -27.66
N THR E 191 30.28 16.11 -28.17
CA THR E 191 31.61 16.37 -28.69
C THR E 191 31.51 16.94 -30.10
N VAL E 192 32.29 17.99 -30.39
CA VAL E 192 32.16 18.72 -31.64
C VAL E 192 33.55 19.00 -32.20
N PRO E 193 33.65 19.24 -33.51
CA PRO E 193 34.90 19.76 -34.09
C PRO E 193 35.40 20.97 -33.35
N SER E 194 36.61 20.92 -32.79
CA SER E 194 37.19 22.14 -32.23
C SER E 194 37.17 23.26 -33.24
N SER E 195 37.64 22.96 -34.46
CA SER E 195 37.59 23.90 -35.58
C SER E 195 36.33 24.77 -35.61
N SER E 196 35.22 24.28 -35.05
CA SER E 196 33.93 24.92 -35.18
C SER E 196 33.50 25.69 -33.94
N LEU E 197 34.42 25.94 -33.01
CA LEU E 197 34.00 26.58 -31.77
C LEU E 197 33.65 28.05 -32.00
N GLY E 198 34.44 28.75 -32.81
CA GLY E 198 34.10 30.12 -33.13
C GLY E 198 32.81 30.24 -33.93
N THR E 199 32.74 29.52 -35.06
CA THR E 199 31.64 29.69 -36.01
C THR E 199 30.31 29.15 -35.46
N GLN E 200 30.16 27.83 -35.48
CA GLN E 200 28.91 27.16 -35.13
C GLN E 200 28.39 27.59 -33.77
N THR E 201 27.08 27.78 -33.69
CA THR E 201 26.41 28.12 -32.43
C THR E 201 25.77 26.86 -31.84
N TYR E 202 25.83 26.74 -30.51
CA TYR E 202 25.35 25.55 -29.81
C TYR E 202 24.43 25.95 -28.67
N ILE E 203 23.26 25.32 -28.64
CA ILE E 203 22.18 25.66 -27.72
C ILE E 203 21.55 24.35 -27.28
N CYS E 204 21.55 24.08 -25.99
CA CYS E 204 20.83 22.91 -25.53
C CYS E 204 19.41 23.31 -25.20
N ASN E 205 18.47 22.46 -25.62
CA ASN E 205 17.04 22.69 -25.51
C ASN E 205 16.56 21.79 -24.38
N VAL E 206 16.37 22.38 -23.22
CA VAL E 206 15.96 21.65 -22.04
C VAL E 206 14.47 21.86 -21.83
N ASN E 207 13.74 20.76 -21.67
CA ASN E 207 12.31 20.78 -21.43
C ASN E 207 12.04 20.05 -20.12
N HIS E 208 11.41 20.74 -19.18
CA HIS E 208 10.98 20.16 -17.90
C HIS E 208 9.50 20.42 -17.76
N LYS E 209 8.69 19.56 -18.36
CA LYS E 209 7.24 19.72 -18.34
C LYS E 209 6.63 19.79 -16.95
N PRO E 210 7.09 19.08 -15.91
CA PRO E 210 6.40 19.15 -14.62
C PRO E 210 6.36 20.55 -14.03
N SER E 211 7.30 21.41 -14.39
CA SER E 211 7.30 22.79 -13.94
C SER E 211 7.15 23.77 -15.10
N ASN E 212 6.48 23.35 -16.17
CA ASN E 212 6.19 24.17 -17.34
C ASN E 212 7.36 25.11 -17.69
N THR E 213 8.51 24.50 -17.89
CA THR E 213 9.72 25.27 -18.16
C THR E 213 10.41 24.71 -19.39
N LYS E 214 10.89 25.62 -20.20
CA LYS E 214 11.74 25.30 -21.34
C LYS E 214 12.86 26.32 -21.28
N VAL E 215 14.10 25.84 -21.39
CA VAL E 215 15.28 26.69 -21.38
C VAL E 215 16.14 26.29 -22.56
N ASP E 216 16.55 27.28 -23.34
CA ASP E 216 17.55 27.11 -24.38
C ASP E 216 18.81 27.86 -23.93
N LYS E 217 19.84 27.13 -23.49
CA LYS E 217 21.10 27.76 -23.09
C LYS E 217 22.07 27.81 -24.26
N LYS E 218 22.53 29.01 -24.61
CA LYS E 218 23.61 29.11 -25.58
C LYS E 218 24.90 28.77 -24.86
N VAL E 219 25.62 27.78 -25.38
CA VAL E 219 26.90 27.36 -24.82
C VAL E 219 28.00 27.93 -25.69
N GLU E 220 28.74 28.89 -25.13
CA GLU E 220 29.78 29.64 -25.77
C GLU E 220 31.14 29.26 -25.18
N PRO E 221 32.23 29.36 -25.95
CA PRO E 221 33.54 29.02 -25.38
C PRO E 221 34.02 30.09 -24.41
N LYS E 222 35.07 29.73 -23.68
CA LYS E 222 35.65 30.61 -22.68
C LYS E 222 36.57 31.67 -23.27
N SER F 2 7.73 -10.30 -4.05
CA SER F 2 7.69 -11.25 -5.15
C SER F 2 7.21 -12.63 -4.68
N VAL F 3 6.07 -13.07 -5.20
CA VAL F 3 5.61 -14.43 -4.93
C VAL F 3 6.41 -15.48 -5.70
N LEU F 4 7.14 -15.08 -6.74
CA LEU F 4 8.04 -15.94 -7.49
C LEU F 4 9.48 -15.52 -7.23
N THR F 5 10.39 -16.50 -7.14
CA THR F 5 11.76 -16.25 -6.75
C THR F 5 12.73 -16.40 -7.93
N GLN F 6 13.52 -15.36 -8.17
CA GLN F 6 14.60 -15.41 -9.15
C GLN F 6 15.94 -15.17 -8.46
N PRO F 7 17.03 -15.70 -9.02
CA PRO F 7 18.34 -15.25 -8.57
C PRO F 7 18.50 -13.79 -8.91
N PRO F 8 18.95 -12.97 -7.96
CA PRO F 8 19.22 -11.56 -8.28
C PRO F 8 20.34 -11.41 -9.28
N SER F 9 21.35 -12.27 -9.20
CA SER F 9 22.52 -12.17 -10.05
C SER F 9 22.70 -13.47 -10.82
N VAL F 10 23.07 -13.34 -12.09
CA VAL F 10 23.37 -14.48 -12.93
C VAL F 10 24.48 -14.08 -13.89
N SER F 11 25.45 -14.99 -14.10
CA SER F 11 26.63 -14.70 -14.91
C SER F 11 26.92 -15.85 -15.87
N GLY F 12 27.48 -15.51 -17.04
CA GLY F 12 27.93 -16.48 -18.02
C GLY F 12 28.93 -15.91 -19.01
N ALA F 13 29.95 -16.69 -19.40
CA ALA F 13 30.93 -16.22 -20.35
C ALA F 13 30.29 -16.07 -21.72
N PRO F 14 30.84 -15.21 -22.59
CA PRO F 14 30.20 -14.96 -23.89
C PRO F 14 30.19 -16.23 -24.73
N GLY F 15 29.03 -16.51 -25.32
CA GLY F 15 28.86 -17.72 -26.10
C GLY F 15 28.56 -18.98 -25.30
N GLN F 16 28.45 -18.89 -23.97
CA GLN F 16 28.10 -20.05 -23.16
C GLN F 16 26.59 -20.07 -22.91
N ARG F 17 26.13 -21.06 -22.17
CA ARG F 17 24.71 -21.22 -21.88
C ARG F 17 24.46 -20.89 -20.42
N VAL F 18 23.54 -19.96 -20.18
CA VAL F 18 23.20 -19.50 -18.85
C VAL F 18 21.70 -19.75 -18.64
N THR F 19 21.31 -19.99 -17.38
CA THR F 19 19.92 -20.32 -17.05
C THR F 19 19.44 -19.50 -15.85
N ILE F 20 18.37 -18.73 -16.04
CA ILE F 20 17.73 -17.99 -14.97
C ILE F 20 16.55 -18.80 -14.44
N SER F 21 16.51 -19.01 -13.13
CA SER F 21 15.46 -19.83 -12.52
C SER F 21 14.31 -18.95 -12.01
N CYS F 22 13.18 -19.61 -11.79
CA CYS F 22 11.95 -18.93 -11.39
C CYS F 22 11.15 -19.96 -10.60
N THR F 23 11.19 -19.87 -9.28
CA THR F 23 10.55 -20.86 -8.41
C THR F 23 9.24 -20.32 -7.85
N GLY F 24 8.23 -21.17 -7.80
CA GLY F 24 6.92 -20.78 -7.36
C GLY F 24 6.36 -21.78 -6.37
N SER F 25 5.04 -21.82 -6.30
CA SER F 25 4.33 -22.71 -5.39
C SER F 25 3.29 -23.55 -6.15
N SER F 26 2.75 -24.53 -5.43
CA SER F 26 1.58 -25.25 -5.89
C SER F 26 0.42 -24.32 -6.23
N SER F 27 0.40 -23.11 -5.69
CA SER F 27 -0.70 -22.21 -5.97
C SER F 27 -0.50 -21.38 -7.25
N ASN F 28 0.66 -21.49 -7.91
CA ASN F 28 0.82 -20.83 -9.20
C ASN F 28 1.38 -21.80 -10.23
N ILE F 29 2.70 -21.90 -10.31
CA ILE F 29 3.32 -22.79 -11.29
C ILE F 29 2.84 -24.22 -11.08
N GLY F 30 2.83 -24.67 -9.82
CA GLY F 30 2.34 -26.00 -9.53
C GLY F 30 0.85 -26.17 -9.68
N ALA F 31 0.11 -25.06 -9.80
CA ALA F 31 -1.29 -25.15 -10.15
C ALA F 31 -1.52 -25.27 -11.66
N GLY F 32 -0.47 -25.42 -12.45
CA GLY F 32 -0.64 -25.51 -13.88
C GLY F 32 -0.69 -24.19 -14.61
N TYR F 33 -0.21 -23.11 -13.99
CA TYR F 33 -0.18 -21.82 -14.67
C TYR F 33 1.18 -21.62 -15.34
N ASP F 34 1.15 -20.93 -16.48
CA ASP F 34 2.33 -20.80 -17.32
C ASP F 34 3.19 -19.61 -16.88
N VAL F 35 4.48 -19.72 -17.13
CA VAL F 35 5.46 -18.70 -16.82
C VAL F 35 5.83 -17.97 -18.10
N HIS F 36 5.83 -16.64 -18.04
CA HIS F 36 6.33 -15.82 -19.14
C HIS F 36 7.58 -15.09 -18.70
N TRP F 37 8.35 -14.59 -19.66
CA TRP F 37 9.62 -13.94 -19.38
C TRP F 37 9.72 -12.64 -20.15
N TYR F 38 10.11 -11.57 -19.44
CA TYR F 38 10.33 -10.26 -20.04
C TYR F 38 11.78 -9.84 -19.82
N GLN F 39 12.29 -9.05 -20.75
CA GLN F 39 13.66 -8.56 -20.68
C GLN F 39 13.56 -7.04 -20.65
N GLN F 40 14.26 -6.43 -19.72
CA GLN F 40 14.13 -4.99 -19.52
C GLN F 40 15.52 -4.40 -19.42
N LEU F 41 15.83 -3.49 -20.33
CA LEU F 41 16.89 -2.54 -20.10
C LEU F 41 16.33 -1.44 -19.21
N PRO F 42 16.92 -1.16 -18.05
CA PRO F 42 16.33 -0.15 -17.18
C PRO F 42 16.12 1.18 -17.90
N GLY F 43 15.09 1.91 -17.47
CA GLY F 43 14.65 3.09 -18.18
C GLY F 43 13.88 2.84 -19.46
N THR F 44 13.41 1.61 -19.69
CA THR F 44 12.68 1.30 -20.90
C THR F 44 11.54 0.37 -20.55
N ALA F 45 10.45 0.45 -21.30
CA ALA F 45 9.40 -0.55 -21.20
C ALA F 45 9.99 -1.96 -21.23
N PRO F 46 9.49 -2.89 -20.41
CA PRO F 46 9.89 -4.28 -20.56
C PRO F 46 9.40 -4.83 -21.88
N LYS F 47 10.09 -5.86 -22.38
CA LYS F 47 9.77 -6.48 -23.67
C LYS F 47 9.54 -7.97 -23.46
N LEU F 48 8.41 -8.46 -23.94
CA LEU F 48 8.10 -9.88 -23.83
C LEU F 48 9.11 -10.70 -24.62
N LEU F 49 9.49 -11.83 -24.06
CA LEU F 49 10.55 -12.63 -24.67
C LEU F 49 10.17 -14.08 -24.81
N ILE F 50 9.45 -14.63 -23.84
CA ILE F 50 8.97 -16.00 -23.85
C ILE F 50 7.57 -15.97 -23.27
N TYR F 51 6.63 -16.64 -23.92
CA TYR F 51 5.30 -16.75 -23.38
C TYR F 51 4.89 -18.21 -23.37
N GLY F 52 4.18 -18.61 -22.32
CA GLY F 52 3.73 -19.98 -22.17
C GLY F 52 4.89 -20.95 -22.04
N ASN F 53 5.76 -20.70 -21.06
CA ASN F 53 6.91 -21.55 -20.75
C ASN F 53 7.96 -21.51 -21.84
N SER F 54 7.57 -21.67 -23.11
CA SER F 54 8.61 -21.82 -24.12
C SER F 54 8.34 -21.22 -25.49
N ASN F 55 7.22 -20.53 -25.75
CA ASN F 55 7.03 -19.97 -27.08
C ASN F 55 7.80 -18.66 -27.22
N ARG F 56 8.34 -18.44 -28.42
CA ARG F 56 9.06 -17.20 -28.70
C ARG F 56 8.24 -16.37 -29.66
N PRO F 57 7.83 -15.14 -29.30
CA PRO F 57 7.23 -14.26 -30.31
C PRO F 57 8.18 -13.98 -31.46
N SER F 58 7.58 -13.62 -32.59
CA SER F 58 8.34 -13.11 -33.73
C SER F 58 9.25 -11.98 -33.27
N GLY F 59 10.53 -12.06 -33.64
CA GLY F 59 11.51 -11.08 -33.24
C GLY F 59 12.46 -11.50 -32.15
N VAL F 60 12.37 -12.75 -31.70
CA VAL F 60 13.17 -13.25 -30.60
C VAL F 60 14.14 -14.29 -31.15
N PRO F 61 15.45 -14.16 -30.92
CA PRO F 61 16.38 -15.20 -31.35
C PRO F 61 16.04 -16.55 -30.73
N ASP F 62 16.37 -17.64 -31.44
CA ASP F 62 16.18 -18.97 -30.86
C ASP F 62 17.22 -19.28 -29.80
N ARG F 63 18.19 -18.39 -29.59
CA ARG F 63 19.08 -18.51 -28.44
C ARG F 63 18.28 -18.54 -27.14
N PHE F 64 17.11 -17.91 -27.13
CA PHE F 64 16.28 -17.87 -25.94
C PHE F 64 15.33 -19.06 -25.90
N SER F 65 15.30 -19.72 -24.74
CA SER F 65 14.55 -20.95 -24.56
C SER F 65 13.92 -20.93 -23.18
N GLY F 66 12.92 -21.78 -22.99
CA GLY F 66 12.21 -21.86 -21.73
C GLY F 66 11.59 -23.22 -21.52
N SER F 67 11.24 -23.46 -20.26
CA SER F 67 10.75 -24.76 -19.83
C SER F 67 10.23 -24.61 -18.42
N LYS F 68 9.31 -25.50 -18.06
CA LYS F 68 8.67 -25.48 -16.76
C LYS F 68 8.63 -26.92 -16.26
N SER F 69 8.74 -27.09 -14.93
CA SER F 69 8.68 -28.44 -14.37
C SER F 69 8.34 -28.35 -12.89
N GLY F 70 7.17 -28.85 -12.52
CA GLY F 70 6.79 -28.87 -11.13
C GLY F 70 6.44 -27.47 -10.67
N THR F 71 7.17 -26.95 -9.69
CA THR F 71 6.91 -25.61 -9.18
C THR F 71 7.92 -24.59 -9.69
N SER F 72 8.72 -24.96 -10.70
CA SER F 72 9.80 -24.11 -11.18
C SER F 72 9.67 -23.88 -12.67
N ALA F 73 10.48 -22.96 -13.18
CA ALA F 73 10.64 -22.73 -14.61
C ALA F 73 12.01 -22.11 -14.83
N SER F 74 12.46 -22.10 -16.08
CA SER F 74 13.80 -21.60 -16.37
C SER F 74 13.87 -20.98 -17.75
N LEU F 75 14.54 -19.85 -17.82
CA LEU F 75 14.97 -19.27 -19.08
C LEU F 75 16.35 -19.80 -19.37
N ALA F 76 16.65 -19.97 -20.65
CA ALA F 76 17.93 -20.52 -21.06
C ALA F 76 18.39 -19.72 -22.25
N ILE F 77 19.62 -19.23 -22.17
CA ILE F 77 20.20 -18.39 -23.21
C ILE F 77 21.44 -19.10 -23.70
N THR F 78 21.36 -19.67 -24.90
CA THR F 78 22.48 -20.25 -25.59
C THR F 78 23.22 -19.17 -26.37
N GLY F 79 24.55 -19.29 -26.42
CA GLY F 79 25.34 -18.41 -27.27
C GLY F 79 25.31 -16.98 -26.78
N LEU F 80 25.54 -16.83 -25.48
CA LEU F 80 25.46 -15.56 -24.76
C LEU F 80 26.17 -14.43 -25.49
N GLN F 81 25.42 -13.38 -25.80
CA GLN F 81 25.98 -12.21 -26.47
C GLN F 81 26.04 -11.03 -25.49
N ALA F 82 26.91 -10.07 -25.82
CA ALA F 82 27.14 -8.92 -24.95
C ALA F 82 25.87 -8.08 -24.80
N GLU F 83 25.01 -8.07 -25.82
CA GLU F 83 23.76 -7.33 -25.69
C GLU F 83 22.82 -7.96 -24.68
N ASP F 84 23.03 -9.23 -24.31
CA ASP F 84 22.12 -9.94 -23.42
C ASP F 84 22.22 -9.49 -21.98
N GLU F 85 23.14 -8.59 -21.67
CA GLU F 85 23.42 -8.16 -20.29
C GLU F 85 22.39 -7.10 -19.89
N THR F 86 21.21 -7.54 -19.48
CA THR F 86 20.15 -6.65 -19.00
C THR F 86 19.41 -7.34 -17.87
N ASP F 87 18.21 -6.86 -17.56
CA ASP F 87 17.34 -7.44 -16.53
C ASP F 87 16.30 -8.35 -17.17
N TYR F 88 15.89 -9.38 -16.40
CA TYR F 88 14.92 -10.37 -16.84
C TYR F 88 13.96 -10.63 -15.69
N TYR F 89 12.65 -10.47 -15.93
CA TYR F 89 11.62 -10.86 -14.97
C TYR F 89 10.77 -11.99 -15.53
N CYS F 90 10.43 -12.95 -14.66
CA CYS F 90 9.46 -13.98 -14.97
C CYS F 90 8.09 -13.58 -14.42
N GLN F 91 7.04 -14.23 -14.91
CA GLN F 91 5.69 -13.77 -14.64
C GLN F 91 4.71 -14.92 -14.82
N SER F 92 3.66 -14.92 -14.01
CA SER F 92 2.65 -15.97 -14.00
C SER F 92 1.43 -15.41 -13.28
N CYS F 93 0.47 -16.29 -12.96
CA CYS F 93 -0.71 -15.97 -12.17
C CYS F 93 -0.77 -16.93 -10.98
N ASP F 94 -1.51 -16.54 -9.93
CA ASP F 94 -1.56 -17.29 -8.68
C ASP F 94 -2.99 -17.40 -8.20
N SER F 95 -3.31 -18.57 -7.64
CA SER F 95 -4.65 -18.91 -7.15
C SER F 95 -5.61 -19.07 -8.32
N VAL F 99 -4.72 -13.19 -8.88
CA VAL F 99 -3.64 -12.21 -9.00
C VAL F 99 -2.52 -12.68 -9.93
N VAL F 100 -2.02 -11.79 -10.84
CA VAL F 100 -0.84 -12.10 -11.64
C VAL F 100 0.40 -11.71 -10.84
N VAL F 101 1.44 -12.53 -10.97
CA VAL F 101 2.61 -12.46 -10.10
C VAL F 101 3.86 -12.38 -10.96
N PHE F 102 4.80 -11.53 -10.51
CA PHE F 102 6.11 -11.37 -11.10
C PHE F 102 7.18 -11.87 -10.14
N GLY F 103 8.30 -12.29 -10.73
CA GLY F 103 9.51 -12.46 -9.98
C GLY F 103 10.20 -11.14 -9.71
N GLY F 104 11.14 -11.18 -8.74
CA GLY F 104 11.87 -9.99 -8.33
C GLY F 104 12.81 -9.43 -9.39
N GLY F 105 13.25 -10.24 -10.35
CA GLY F 105 14.15 -9.81 -11.40
C GLY F 105 15.53 -10.44 -11.25
N THR F 106 16.24 -10.47 -12.37
CA THR F 106 17.56 -11.09 -12.46
C THR F 106 18.47 -10.21 -13.30
N LYS F 107 19.59 -9.81 -12.72
CA LYS F 107 20.63 -9.10 -13.44
C LYS F 107 21.57 -10.12 -14.09
N LEU F 108 21.67 -10.06 -15.42
CA LEU F 108 22.52 -10.99 -16.16
C LEU F 108 23.81 -10.27 -16.54
N THR F 109 24.95 -10.84 -16.12
CA THR F 109 26.27 -10.35 -16.49
C THR F 109 26.88 -11.30 -17.50
N VAL F 110 27.55 -10.73 -18.51
CA VAL F 110 28.35 -11.48 -19.47
C VAL F 110 29.79 -11.33 -19.04
N LEU F 111 30.26 -12.23 -18.15
CA LEU F 111 31.64 -12.23 -17.67
C LEU F 111 32.62 -12.46 -18.80
N GLY F 112 33.90 -12.21 -18.51
CA GLY F 112 34.97 -12.58 -19.40
C GLY F 112 35.10 -11.77 -20.68
N GLN F 113 34.44 -10.63 -20.80
CA GLN F 113 34.68 -9.83 -21.98
C GLN F 113 35.87 -8.88 -21.74
N PRO F 114 36.42 -8.28 -22.79
CA PRO F 114 37.58 -7.41 -22.59
C PRO F 114 37.19 -6.13 -21.87
N LYS F 115 38.11 -5.64 -21.02
CA LYS F 115 37.86 -4.39 -20.31
C LYS F 115 37.90 -3.21 -21.29
N ALA F 116 37.08 -2.21 -20.99
CA ALA F 116 37.09 -0.93 -21.70
C ALA F 116 37.34 0.18 -20.69
N ALA F 117 38.39 0.98 -20.92
CA ALA F 117 38.81 1.97 -19.91
C ALA F 117 37.95 3.22 -19.98
N PRO F 118 37.66 3.84 -18.84
CA PRO F 118 36.71 4.95 -18.82
C PRO F 118 37.27 6.21 -19.45
N SER F 119 36.43 6.86 -20.26
CA SER F 119 36.65 8.22 -20.70
C SER F 119 36.10 9.19 -19.64
N VAL F 120 36.92 10.14 -19.18
CA VAL F 120 36.56 11.07 -18.09
C VAL F 120 36.63 12.51 -18.59
N THR F 121 35.57 13.28 -18.34
CA THR F 121 35.56 14.71 -18.63
C THR F 121 35.11 15.46 -17.38
N LEU F 122 35.92 16.42 -16.93
CA LEU F 122 35.63 17.18 -15.72
C LEU F 122 35.43 18.65 -16.07
N PHE F 123 34.26 19.20 -15.71
CA PHE F 123 33.91 20.58 -15.97
C PHE F 123 33.99 21.38 -14.68
N PRO F 124 34.61 22.57 -14.70
CA PRO F 124 34.59 23.45 -13.53
C PRO F 124 33.24 24.13 -13.43
N PRO F 125 32.97 24.87 -12.35
CA PRO F 125 31.67 25.59 -12.28
C PRO F 125 31.58 26.67 -13.33
N SER F 126 30.36 26.84 -13.87
CA SER F 126 30.12 27.94 -14.79
C SER F 126 30.04 29.24 -14.02
N SER F 127 30.48 30.34 -14.65
CA SER F 127 30.35 31.63 -13.98
C SER F 127 28.89 32.04 -13.82
N GLU F 128 28.00 31.58 -14.72
CA GLU F 128 26.57 31.77 -14.49
C GLU F 128 26.14 31.18 -13.17
N GLU F 129 26.62 29.96 -12.85
CA GLU F 129 26.23 29.32 -11.59
C GLU F 129 26.89 29.97 -10.38
N LEU F 130 28.15 30.40 -10.51
CA LEU F 130 28.81 31.13 -9.42
C LEU F 130 28.02 32.39 -9.09
N GLN F 131 27.57 33.09 -10.14
CA GLN F 131 26.71 34.26 -9.97
C GLN F 131 25.42 33.89 -9.24
N ALA F 132 24.98 32.65 -9.34
CA ALA F 132 23.79 32.19 -8.62
C ALA F 132 24.11 31.80 -7.17
N ASN F 133 25.36 31.99 -6.72
CA ASN F 133 25.81 31.61 -5.38
C ASN F 133 25.83 30.09 -5.21
N LYS F 134 26.26 29.38 -6.26
CA LYS F 134 26.42 27.94 -6.22
C LYS F 134 27.66 27.58 -7.01
N ALA F 135 28.03 26.31 -6.92
CA ALA F 135 29.23 25.80 -7.60
C ALA F 135 29.07 24.29 -7.68
N THR F 136 28.96 23.76 -8.88
CA THR F 136 28.94 22.32 -9.10
C THR F 136 30.10 21.96 -10.01
N LEU F 137 30.78 20.85 -9.71
CA LEU F 137 31.79 20.27 -10.59
C LEU F 137 31.20 19.00 -11.19
N VAL F 138 31.30 18.86 -12.51
CA VAL F 138 30.68 17.75 -13.22
C VAL F 138 31.77 16.84 -13.75
N CYS F 139 31.75 15.58 -13.32
CA CYS F 139 32.70 14.56 -13.76
C CYS F 139 31.96 13.47 -14.53
N LEU F 140 32.00 13.58 -15.85
CA LEU F 140 31.29 12.68 -16.76
C LEU F 140 32.20 11.54 -17.17
N ILE F 141 31.68 10.32 -17.09
CA ILE F 141 32.43 9.10 -17.30
C ILE F 141 31.71 8.29 -18.36
N SER F 142 32.45 7.81 -19.35
CA SER F 142 31.83 7.13 -20.48
C SER F 142 32.67 5.95 -20.94
N ASP F 143 31.99 5.03 -21.62
CA ASP F 143 32.62 3.98 -22.44
C ASP F 143 33.42 2.97 -21.63
N PHE F 144 32.96 2.62 -20.43
CA PHE F 144 33.68 1.68 -19.59
C PHE F 144 32.91 0.37 -19.46
N TYR F 145 33.66 -0.73 -19.41
CA TYR F 145 33.06 -2.04 -19.17
C TYR F 145 34.13 -2.83 -18.41
N PRO F 146 33.78 -3.52 -17.31
CA PRO F 146 32.50 -3.72 -16.60
C PRO F 146 31.85 -2.45 -16.09
N GLY F 147 30.53 -2.52 -15.88
CA GLY F 147 29.74 -1.40 -15.39
C GLY F 147 29.89 -1.20 -13.90
N ALA F 148 31.11 -0.94 -13.46
CA ALA F 148 31.36 -0.58 -12.08
C ALA F 148 32.51 0.41 -12.04
N VAL F 149 32.35 1.47 -11.23
CA VAL F 149 33.41 2.43 -10.95
C VAL F 149 33.21 2.95 -9.53
N THR F 150 34.29 3.41 -8.93
CA THR F 150 34.20 4.28 -7.77
C THR F 150 34.83 5.63 -8.13
N VAL F 151 34.19 6.71 -7.69
CA VAL F 151 34.66 8.07 -7.94
C VAL F 151 35.09 8.68 -6.62
N ALA F 152 36.14 9.49 -6.66
CA ALA F 152 36.64 10.14 -5.44
C ALA F 152 37.06 11.55 -5.78
N TRP F 153 36.75 12.48 -4.89
CA TRP F 153 37.08 13.87 -5.10
C TRP F 153 38.17 14.29 -4.14
N LYS F 154 38.97 15.25 -4.58
CA LYS F 154 39.98 15.90 -3.77
C LYS F 154 39.88 17.40 -3.95
N ALA F 155 39.97 18.13 -2.85
CA ALA F 155 40.30 19.54 -2.86
C ALA F 155 41.78 19.66 -2.50
N ASP F 156 42.55 20.27 -3.40
CA ASP F 156 44.01 20.20 -3.34
C ASP F 156 44.43 18.73 -3.29
N SER F 157 44.96 18.29 -2.15
CA SER F 157 45.22 16.87 -1.92
C SER F 157 44.37 16.29 -0.81
N SER F 158 43.29 16.98 -0.42
CA SER F 158 42.51 16.35 0.64
C SER F 158 41.29 15.64 0.09
N PRO F 159 41.06 14.39 0.47
CA PRO F 159 39.78 13.76 0.15
C PRO F 159 38.64 14.65 0.60
N VAL F 160 37.61 14.69 -0.22
CA VAL F 160 36.37 15.42 0.06
C VAL F 160 35.25 14.45 -0.25
N LYS F 161 34.33 14.25 0.71
CA LYS F 161 33.20 13.37 0.48
C LYS F 161 31.84 13.96 0.76
N ALA F 162 31.75 15.06 1.50
CA ALA F 162 30.50 15.80 1.60
C ALA F 162 30.10 16.35 0.23
N GLY F 163 28.78 16.39 -0.02
CA GLY F 163 28.31 16.98 -1.25
C GLY F 163 28.66 16.24 -2.53
N VAL F 164 28.97 14.95 -2.44
CA VAL F 164 29.23 14.13 -3.62
C VAL F 164 27.97 13.35 -3.95
N GLU F 165 27.53 13.41 -5.21
CA GLU F 165 26.49 12.54 -5.73
C GLU F 165 27.02 11.85 -6.98
N THR F 166 26.90 10.52 -7.02
CA THR F 166 27.41 9.73 -8.10
C THR F 166 26.35 8.75 -8.59
N THR F 167 26.12 8.70 -9.90
CA THR F 167 25.11 7.76 -10.37
C THR F 167 25.61 6.34 -10.24
N THR F 168 24.70 5.45 -10.30
CA THR F 168 24.99 4.07 -10.59
C THR F 168 25.16 3.92 -12.10
N PRO F 169 26.12 3.10 -12.55
CA PRO F 169 26.43 3.06 -13.98
C PRO F 169 25.22 2.63 -14.79
N SER F 170 25.16 3.12 -16.02
CA SER F 170 24.01 2.87 -16.88
C SER F 170 24.48 2.49 -18.28
N LYS F 171 23.78 1.55 -18.88
CA LYS F 171 24.29 0.90 -20.08
C LYS F 171 24.09 1.78 -21.29
N GLN F 172 25.13 1.89 -22.11
CA GLN F 172 25.15 2.70 -23.32
C GLN F 172 24.66 1.91 -24.52
N SER F 173 24.62 2.57 -25.67
CA SER F 173 24.18 1.90 -26.87
C SER F 173 25.19 0.84 -27.33
N ASN F 174 26.47 1.05 -27.09
CA ASN F 174 27.51 0.11 -27.51
C ASN F 174 27.82 -0.96 -26.46
N ASN F 175 26.95 -1.14 -25.46
CA ASN F 175 27.06 -2.13 -24.38
C ASN F 175 28.15 -1.78 -23.36
N LYS F 176 28.78 -0.63 -23.49
CA LYS F 176 29.59 -0.13 -22.42
C LYS F 176 28.70 0.69 -21.50
N TYR F 177 29.27 1.15 -20.39
CA TYR F 177 28.54 1.88 -19.36
C TYR F 177 28.99 3.33 -19.27
N ALA F 178 28.10 4.20 -18.79
CA ALA F 178 28.43 5.57 -18.43
C ALA F 178 27.90 5.87 -17.04
N ALA F 179 28.46 6.92 -16.44
CA ALA F 179 28.09 7.39 -15.11
C ALA F 179 28.50 8.86 -14.99
N SER F 180 27.97 9.51 -13.96
CA SER F 180 28.38 10.87 -13.64
C SER F 180 28.45 11.02 -12.12
N SER F 181 29.28 11.98 -11.68
CA SER F 181 29.50 12.29 -10.27
C SER F 181 29.66 13.80 -10.12
N TYR F 182 28.88 14.39 -9.21
CA TYR F 182 28.82 15.84 -9.00
C TYR F 182 29.36 16.19 -7.62
N LEU F 183 30.11 17.28 -7.54
CA LEU F 183 30.64 17.81 -6.28
C LEU F 183 30.04 19.20 -6.02
N SER F 184 29.42 19.36 -4.85
CA SER F 184 28.82 20.63 -4.48
C SER F 184 29.75 21.45 -3.61
N LEU F 185 29.99 22.68 -4.04
CA LEU F 185 30.81 23.59 -3.27
C LEU F 185 30.12 24.94 -3.23
N THR F 186 30.47 25.72 -2.22
CA THR F 186 30.10 27.12 -2.25
C THR F 186 31.07 27.86 -3.17
N PRO F 187 30.65 28.98 -3.76
CA PRO F 187 31.57 29.75 -4.60
C PRO F 187 32.86 30.09 -3.87
N GLU F 188 32.77 30.34 -2.55
CA GLU F 188 33.96 30.70 -1.77
C GLU F 188 34.85 29.49 -1.56
N GLN F 189 34.26 28.30 -1.38
CA GLN F 189 35.04 27.07 -1.33
C GLN F 189 35.85 26.88 -2.62
N TRP F 190 35.15 26.92 -3.76
CA TRP F 190 35.79 26.70 -5.06
C TRP F 190 36.96 27.67 -5.27
N LYS F 191 36.80 28.93 -4.87
CA LYS F 191 37.83 29.95 -5.08
C LYS F 191 38.98 29.87 -4.07
N SER F 192 38.81 29.18 -2.94
CA SER F 192 39.80 29.25 -1.87
C SER F 192 40.75 28.05 -1.81
N HIS F 193 40.45 26.93 -2.44
CA HIS F 193 41.43 25.86 -2.56
C HIS F 193 42.08 26.00 -3.96
N ARG F 194 43.29 25.45 -4.12
CA ARG F 194 44.03 25.74 -5.36
C ARG F 194 43.52 24.98 -6.58
N SER F 195 43.00 23.76 -6.38
CA SER F 195 42.49 22.94 -7.48
C SER F 195 41.55 21.90 -6.89
N TYR F 196 40.77 21.26 -7.76
CA TYR F 196 39.88 20.16 -7.40
C TYR F 196 40.04 19.04 -8.41
N SER F 197 39.85 17.80 -7.96
CA SER F 197 40.20 16.60 -8.71
C SER F 197 39.06 15.58 -8.67
N CYS F 198 38.72 15.03 -9.82
CA CYS F 198 37.86 13.84 -9.91
C CYS F 198 38.72 12.60 -10.22
N GLN F 199 38.64 11.57 -9.36
CA GLN F 199 39.43 10.36 -9.48
C GLN F 199 38.51 9.17 -9.68
N VAL F 200 38.55 8.60 -10.89
CA VAL F 200 37.67 7.52 -11.32
C VAL F 200 38.50 6.23 -11.31
N THR F 201 38.18 5.32 -10.40
CA THR F 201 38.86 4.04 -10.31
C THR F 201 38.03 2.95 -10.99
N HIS F 202 38.65 2.25 -11.93
CA HIS F 202 37.96 1.20 -12.71
C HIS F 202 38.92 0.04 -12.89
N GLU F 203 38.58 -1.12 -12.30
CA GLU F 203 39.37 -2.33 -12.44
C GLU F 203 40.84 -2.07 -12.09
N GLY F 204 41.05 -1.55 -10.89
CA GLY F 204 42.37 -1.30 -10.35
C GLY F 204 43.17 -0.18 -10.99
N SER F 205 42.67 0.45 -12.06
CA SER F 205 43.31 1.63 -12.63
C SER F 205 42.46 2.85 -12.31
N THR F 206 43.10 4.00 -12.29
CA THR F 206 42.47 5.25 -11.90
C THR F 206 42.89 6.37 -12.85
N VAL F 207 41.90 7.10 -13.36
CA VAL F 207 42.10 8.30 -14.16
C VAL F 207 41.74 9.48 -13.26
N GLU F 208 42.57 10.52 -13.29
CA GLU F 208 42.33 11.71 -12.48
C GLU F 208 42.28 12.94 -13.36
N LYS F 209 41.25 13.74 -13.16
CA LYS F 209 41.03 14.97 -13.89
C LYS F 209 41.04 16.10 -12.89
N THR F 210 41.66 17.22 -13.25
CA THR F 210 41.81 18.32 -12.30
C THR F 210 41.46 19.64 -12.97
N VAL F 211 40.68 20.46 -12.26
CA VAL F 211 40.34 21.81 -12.66
C VAL F 211 40.80 22.74 -11.54
N ALA F 212 40.88 24.03 -11.86
CA ALA F 212 41.36 25.07 -10.95
C ALA F 212 40.71 26.40 -11.33
N PRO F 213 40.43 27.27 -10.34
CA PRO F 213 39.83 28.59 -10.62
C PRO F 213 40.80 29.63 -11.19
C1 NAG G . -51.09 -1.52 5.62
C2 NAG G . -51.54 -2.78 4.86
C3 NAG G . -51.99 -2.45 3.42
C4 NAG G . -52.99 -1.30 3.42
C5 NAG G . -52.35 -0.10 4.12
C6 NAG G . -53.22 1.14 4.14
C7 NAG G . -50.62 -5.07 5.01
C8 NAG G . -49.38 -5.90 4.97
N2 NAG G . -50.45 -3.75 4.84
O3 NAG G . -52.57 -3.59 2.80
O4 NAG G . -53.37 -0.98 2.08
O5 NAG G . -52.08 -0.46 5.47
O6 NAG G . -53.14 1.83 5.37
O7 NAG G . -51.74 -5.57 5.17
C1 NAG H . -23.67 -44.48 -12.18
C2 NAG H . -24.96 -44.30 -11.36
C3 NAG H . -24.93 -45.14 -10.07
C4 NAG H . -24.56 -46.59 -10.38
C5 NAG H . -23.27 -46.66 -11.18
C6 NAG H . -22.88 -48.06 -11.59
C7 NAG H . -26.31 -42.24 -11.32
C8 NAG H . -26.35 -40.80 -10.89
N2 NAG H . -25.18 -42.89 -11.03
O3 NAG H . -26.21 -45.12 -9.46
O4 NAG H . -24.42 -47.32 -9.16
O5 NAG H . -23.42 -45.89 -12.39
O6 NAG H . -23.70 -48.54 -12.64
O7 NAG H . -27.25 -42.78 -11.88
#